data_3HXK
#
_entry.id   3HXK
#
_cell.length_a   68.391
_cell.length_b   150.425
_cell.length_c   218.859
_cell.angle_alpha   90.000
_cell.angle_beta   90.000
_cell.angle_gamma   90.000
#
_symmetry.space_group_name_H-M   'C 2 2 21'
#
loop_
_entity.id
_entity.type
_entity.pdbx_description
1 polymer 'Sugar hydrolase'
2 water water
#
_entity_poly.entity_id   1
_entity_poly.type   'polypeptide(L)'
_entity_poly.pdbx_seq_one_letter_code
;(MSE)IFLSTLFWYNKL(MSE)NKSTFSLNDTAWVDFYQLQNPRQNENYTFPAIIICPGGGYQHISQRESDPLALAFLAQ
GYQVLLLNYTV(MSE)NKGTNYNFLSQNLEEVQAVFSLIHQNHKEWQINPEQVFLLGCSAGGHLAAWYGNSEQIHRPKGV
ILCYPVTSFTFGWPSDLSHFNFEIENISEYNISEKVTSSTPPTFIWHTADDEGVPIYNSLKYCDRLSKHQVPFEAHFFES
GPHGVSLANRTTAPSDAYCLPSVHRWVSWASDWLERQIKNLEHHHHHH
;
_entity_poly.pdbx_strand_id   A,B,C,D
#
# COMPACT_ATOMS: atom_id res chain seq x y z
N ASN A 15 -19.30 20.70 14.07
CA ASN A 15 -18.53 19.44 13.84
C ASN A 15 -19.33 18.18 14.20
N LYS A 16 -20.25 18.31 15.15
CA LYS A 16 -21.08 17.20 15.60
C LYS A 16 -22.31 17.66 16.38
N SER A 17 -23.44 17.02 16.14
CA SER A 17 -24.69 17.34 16.82
C SER A 17 -25.70 16.22 16.57
N THR A 18 -26.34 15.75 17.64
CA THR A 18 -27.30 14.66 17.52
C THR A 18 -28.68 15.15 17.09
N PHE A 19 -29.47 14.25 16.51
CA PHE A 19 -30.81 14.58 16.07
C PHE A 19 -31.76 13.47 16.45
N SER A 20 -32.71 13.81 17.31
CA SER A 20 -33.70 12.83 17.76
C SER A 20 -34.49 12.33 16.58
N LEU A 21 -34.75 11.03 16.57
CA LEU A 21 -35.48 10.37 15.50
C LEU A 21 -36.86 9.93 16.00
N ASN A 22 -36.86 8.84 16.78
CA ASN A 22 -38.11 8.33 17.33
C ASN A 22 -38.05 8.32 18.83
N ASP A 23 -38.99 7.62 19.43
CA ASP A 23 -39.03 7.53 20.88
C ASP A 23 -37.71 6.96 21.39
N THR A 24 -37.17 6.01 20.63
CA THR A 24 -35.91 5.37 20.99
C THR A 24 -35.06 5.12 19.75
N ALA A 25 -34.30 6.13 19.34
CA ALA A 25 -33.45 6.03 18.17
C ALA A 25 -32.62 7.28 17.95
N TRP A 26 -31.40 7.28 18.47
CA TRP A 26 -30.48 8.40 18.33
C TRP A 26 -29.86 8.34 16.93
N VAL A 27 -29.44 9.49 16.41
CA VAL A 27 -28.79 9.57 15.11
C VAL A 27 -27.70 10.63 15.16
N ASP A 28 -26.52 10.23 15.59
CA ASP A 28 -25.39 11.13 15.69
C ASP A 28 -24.97 11.54 14.28
N PHE A 29 -24.79 12.85 14.06
CA PHE A 29 -24.39 13.35 12.75
C PHE A 29 -23.08 14.11 12.79
N TYR A 30 -22.04 13.53 12.23
CA TYR A 30 -20.76 14.19 12.22
C TYR A 30 -20.55 14.94 10.92
N GLN A 31 -20.18 16.20 11.03
CA GLN A 31 -19.96 17.05 9.87
C GLN A 31 -18.70 17.88 10.02
N LEU A 32 -18.05 18.14 8.90
CA LEU A 32 -16.86 18.96 8.93
C LEU A 32 -17.03 19.98 7.81
N GLN A 33 -15.99 20.73 7.49
CA GLN A 33 -16.05 21.72 6.41
C GLN A 33 -14.68 22.06 5.86
N ASN A 34 -14.54 22.05 4.53
CA ASN A 34 -13.26 22.36 3.86
C ASN A 34 -12.61 23.62 4.43
N TYR A 41 -18.22 22.66 -1.61
CA TYR A 41 -18.15 21.21 -1.78
C TYR A 41 -19.42 20.54 -1.31
N THR A 42 -19.44 19.23 -1.52
CA THR A 42 -20.57 18.41 -1.13
C THR A 42 -19.99 17.02 -0.89
N PHE A 43 -19.39 16.83 0.27
CA PHE A 43 -18.77 15.56 0.63
C PHE A 43 -19.78 14.42 0.66
N PRO A 44 -19.38 13.26 0.13
CA PRO A 44 -20.29 12.12 0.13
C PRO A 44 -20.41 11.63 1.57
N ALA A 45 -21.63 11.51 2.06
CA ALA A 45 -21.85 11.05 3.41
C ALA A 45 -22.00 9.52 3.42
N ILE A 46 -22.01 8.96 4.61
CA ILE A 46 -22.15 7.54 4.79
C ILE A 46 -22.75 7.27 6.17
N ILE A 47 -23.84 6.51 6.19
CA ILE A 47 -24.53 6.15 7.42
C ILE A 47 -23.92 4.84 7.94
N ILE A 48 -23.75 4.77 9.26
CA ILE A 48 -23.17 3.57 9.85
C ILE A 48 -24.18 2.87 10.75
N CYS A 49 -24.06 1.56 10.85
CA CYS A 49 -24.95 0.77 11.69
C CYS A 49 -24.12 -0.11 12.59
N PRO A 50 -23.73 0.43 13.76
CA PRO A 50 -22.94 -0.31 14.74
C PRO A 50 -23.64 -1.59 15.19
N GLY A 51 -22.86 -2.65 15.36
CA GLY A 51 -23.40 -3.94 15.76
C GLY A 51 -23.66 -4.05 17.24
N GLY A 52 -24.13 -5.21 17.69
CA GLY A 52 -24.42 -5.36 19.10
C GLY A 52 -25.59 -6.27 19.34
N GLY A 53 -25.81 -7.19 18.40
CA GLY A 53 -26.90 -8.16 18.49
C GLY A 53 -28.28 -7.62 18.80
N TYR A 54 -28.59 -6.41 18.31
CA TYR A 54 -29.88 -5.78 18.55
C TYR A 54 -30.13 -5.53 20.03
N GLN A 55 -29.20 -6.01 20.87
CA GLN A 55 -29.27 -5.84 22.32
C GLN A 55 -28.82 -4.42 22.66
N HIS A 56 -27.60 -4.07 22.27
CA HIS A 56 -27.05 -2.75 22.52
C HIS A 56 -26.36 -2.20 21.28
N ILE A 57 -25.42 -1.29 21.50
CA ILE A 57 -24.67 -0.68 20.43
C ILE A 57 -23.17 -0.81 20.71
N SER A 58 -22.51 -1.75 20.05
CA SER A 58 -21.08 -1.96 20.24
C SER A 58 -20.37 -0.63 20.09
N GLN A 59 -19.97 -0.09 21.23
CA GLN A 59 -19.31 1.19 21.25
C GLN A 59 -18.08 1.16 20.35
N ARG A 60 -17.33 0.06 20.41
CA ARG A 60 -16.12 -0.07 19.59
C ARG A 60 -16.40 -0.20 18.09
N GLU A 61 -17.63 0.12 17.70
CA GLU A 61 -18.04 0.06 16.29
C GLU A 61 -18.75 1.38 15.93
N SER A 62 -18.66 2.36 16.82
CA SER A 62 -19.30 3.65 16.58
C SER A 62 -18.30 4.78 16.42
N ASP A 63 -18.28 5.69 17.39
CA ASP A 63 -17.39 6.84 17.36
C ASP A 63 -16.03 6.56 16.69
N PRO A 64 -15.34 5.49 17.11
CA PRO A 64 -14.03 5.19 16.49
C PRO A 64 -14.20 4.95 14.99
N LEU A 65 -15.19 4.15 14.64
CA LEU A 65 -15.46 3.85 13.26
C LEU A 65 -15.75 5.14 12.51
N ALA A 66 -16.56 6.01 13.13
CA ALA A 66 -16.94 7.31 12.53
C ALA A 66 -15.70 8.11 12.12
N LEU A 67 -14.85 8.40 13.10
CA LEU A 67 -13.63 9.14 12.82
C LEU A 67 -12.89 8.52 11.62
N ALA A 68 -12.69 7.22 11.65
CA ALA A 68 -11.98 6.58 10.55
C ALA A 68 -12.43 7.18 9.21
N PHE A 69 -13.73 7.07 8.91
CA PHE A 69 -14.30 7.58 7.66
C PHE A 69 -14.30 9.11 7.55
N LEU A 70 -14.69 9.73 8.64
CA LEU A 70 -14.71 11.16 8.69
C LEU A 70 -13.30 11.66 8.32
N ALA A 71 -12.29 10.87 8.63
CA ALA A 71 -10.92 11.26 8.27
C ALA A 71 -10.64 10.93 6.81
N GLN A 72 -11.28 9.87 6.32
CA GLN A 72 -11.14 9.39 4.95
C GLN A 72 -11.97 10.29 4.01
N GLY A 73 -12.49 11.38 4.55
CA GLY A 73 -13.24 12.32 3.75
C GLY A 73 -14.69 11.97 3.52
N TYR A 74 -15.42 11.67 4.59
CA TYR A 74 -16.82 11.30 4.47
C TYR A 74 -17.66 11.88 5.59
N GLN A 75 -18.82 12.42 5.25
CA GLN A 75 -19.72 12.95 6.27
C GLN A 75 -20.26 11.71 6.95
N VAL A 76 -20.26 11.70 8.28
CA VAL A 76 -20.71 10.52 9.01
C VAL A 76 -22.01 10.68 9.77
N LEU A 77 -22.92 9.73 9.56
CA LEU A 77 -24.21 9.71 10.23
C LEU A 77 -24.28 8.42 11.02
N LEU A 78 -23.87 8.46 12.27
CA LEU A 78 -23.90 7.27 13.11
C LEU A 78 -25.33 7.08 13.63
N LEU A 79 -25.96 5.98 13.23
CA LEU A 79 -27.32 5.69 13.64
C LEU A 79 -27.41 4.80 14.86
N ASN A 80 -28.01 5.33 15.93
CA ASN A 80 -28.20 4.60 17.18
C ASN A 80 -29.59 4.00 17.21
N TYR A 81 -29.84 3.09 16.27
CA TYR A 81 -31.13 2.42 16.11
C TYR A 81 -31.61 1.65 17.34
N THR A 82 -32.91 1.74 17.58
CA THR A 82 -33.56 1.09 18.71
C THR A 82 -33.07 -0.35 18.91
N VAL A 83 -32.87 -0.75 20.17
CA VAL A 83 -32.43 -2.09 20.54
C VAL A 83 -32.98 -2.51 21.90
N ASN A 85 -32.12 -2.40 24.63
CA ASN A 85 -31.50 -1.64 25.70
C ASN A 85 -32.36 -0.48 26.16
N LYS A 86 -33.62 -0.47 25.73
CA LYS A 86 -34.53 0.60 26.13
C LYS A 86 -35.95 0.06 26.32
N GLY A 87 -36.08 -1.07 27.02
CA GLY A 87 -37.38 -1.64 27.25
C GLY A 87 -37.97 -2.20 25.98
N THR A 88 -37.60 -3.43 25.68
CA THR A 88 -38.06 -4.10 24.48
C THR A 88 -39.46 -4.70 24.62
N ASN A 89 -40.27 -4.51 23.60
CA ASN A 89 -41.63 -5.05 23.57
C ASN A 89 -41.79 -5.96 22.34
N TYR A 90 -42.01 -5.34 21.17
CA TYR A 90 -42.22 -6.07 19.92
C TYR A 90 -40.94 -6.12 19.06
N ASN A 91 -40.94 -6.99 18.05
CA ASN A 91 -39.82 -7.14 17.15
C ASN A 91 -39.66 -5.89 16.31
N PHE A 92 -39.00 -4.89 16.90
CA PHE A 92 -38.75 -3.61 16.25
C PHE A 92 -37.85 -3.77 15.03
N LEU A 93 -37.51 -5.01 14.70
CA LEU A 93 -36.68 -5.30 13.56
C LEU A 93 -37.25 -4.58 12.34
N SER A 94 -38.53 -4.27 12.41
CA SER A 94 -39.18 -3.56 11.31
C SER A 94 -39.07 -2.07 11.61
N GLN A 95 -39.21 -1.71 12.88
CA GLN A 95 -39.12 -0.32 13.28
C GLN A 95 -37.73 0.24 12.98
N ASN A 96 -36.75 -0.64 12.89
CA ASN A 96 -35.39 -0.19 12.60
C ASN A 96 -35.29 0.37 11.20
N LEU A 97 -35.64 -0.45 10.22
CA LEU A 97 -35.61 -0.03 8.82
C LEU A 97 -36.18 1.37 8.70
N GLU A 98 -37.16 1.67 9.54
CA GLU A 98 -37.80 2.99 9.52
C GLU A 98 -36.75 4.02 9.96
N GLU A 99 -36.18 3.79 11.13
CA GLU A 99 -35.16 4.66 11.71
C GLU A 99 -34.08 5.01 10.68
N VAL A 100 -33.44 4.00 10.11
CA VAL A 100 -32.41 4.25 9.11
C VAL A 100 -33.01 5.06 7.98
N GLN A 101 -34.19 4.65 7.52
CA GLN A 101 -34.88 5.36 6.45
C GLN A 101 -34.95 6.84 6.80
N ALA A 102 -35.39 7.14 8.01
CA ALA A 102 -35.52 8.51 8.51
C ALA A 102 -34.24 9.31 8.32
N VAL A 103 -33.11 8.60 8.39
CA VAL A 103 -31.81 9.20 8.22
C VAL A 103 -31.69 9.76 6.82
N PHE A 104 -31.96 8.90 5.82
CA PHE A 104 -31.89 9.34 4.44
C PHE A 104 -32.83 10.52 4.29
N SER A 105 -34.05 10.36 4.82
CA SER A 105 -35.06 11.41 4.78
C SER A 105 -34.42 12.70 5.27
N LEU A 106 -33.83 12.62 6.46
CA LEU A 106 -33.17 13.78 7.02
C LEU A 106 -32.22 14.40 6.01
N ILE A 107 -31.44 13.56 5.34
CA ILE A 107 -30.50 14.05 4.34
C ILE A 107 -31.25 14.66 3.16
N HIS A 108 -32.16 13.87 2.57
CA HIS A 108 -32.95 14.30 1.42
C HIS A 108 -33.48 15.72 1.61
N GLN A 109 -33.73 16.11 2.86
CA GLN A 109 -34.25 17.44 3.13
C GLN A 109 -33.19 18.41 3.62
N ASN A 110 -32.16 17.91 4.27
CA ASN A 110 -31.13 18.80 4.77
C ASN A 110 -29.81 18.57 4.06
N HIS A 111 -29.89 18.10 2.82
CA HIS A 111 -28.68 17.82 2.05
C HIS A 111 -27.90 19.06 1.65
N LYS A 112 -28.58 20.20 1.61
CA LYS A 112 -27.90 21.44 1.26
C LYS A 112 -27.11 21.93 2.46
N GLU A 113 -27.77 21.96 3.62
CA GLU A 113 -27.14 22.43 4.85
C GLU A 113 -26.04 21.48 5.29
N TRP A 114 -26.34 20.17 5.27
CA TRP A 114 -25.38 19.15 5.68
C TRP A 114 -24.17 19.13 4.75
N GLN A 115 -24.21 19.92 3.68
CA GLN A 115 -23.11 19.98 2.76
C GLN A 115 -22.87 18.60 2.16
N ILE A 116 -23.89 17.76 2.19
CA ILE A 116 -23.81 16.38 1.68
C ILE A 116 -24.32 16.23 0.24
N ASN A 117 -23.66 15.37 -0.54
CA ASN A 117 -24.11 15.15 -1.90
C ASN A 117 -25.13 14.01 -1.87
N PRO A 118 -26.42 14.33 -1.88
CA PRO A 118 -27.48 13.32 -1.84
C PRO A 118 -27.30 12.17 -2.81
N GLU A 119 -26.51 12.36 -3.85
CA GLU A 119 -26.33 11.29 -4.79
C GLU A 119 -25.14 10.44 -4.41
N GLN A 120 -24.60 10.70 -3.23
CA GLN A 120 -23.43 9.97 -2.73
C GLN A 120 -23.55 9.58 -1.25
N VAL A 121 -24.64 8.86 -0.94
CA VAL A 121 -24.90 8.37 0.42
C VAL A 121 -24.77 6.85 0.43
N PHE A 122 -23.93 6.37 1.35
CA PHE A 122 -23.69 4.95 1.53
C PHE A 122 -24.05 4.44 2.90
N LEU A 123 -24.28 3.14 3.01
CA LEU A 123 -24.65 2.51 4.26
C LEU A 123 -23.60 1.55 4.76
N LEU A 124 -23.29 1.65 6.04
CA LEU A 124 -22.32 0.78 6.64
C LEU A 124 -22.95 0.06 7.81
N GLY A 125 -22.44 -1.14 8.11
CA GLY A 125 -22.94 -1.93 9.23
C GLY A 125 -21.99 -3.08 9.50
N CYS A 126 -21.90 -3.52 10.75
CA CYS A 126 -21.03 -4.66 11.10
C CYS A 126 -21.74 -5.62 12.07
N SER A 127 -21.37 -6.89 12.01
CA SER A 127 -22.01 -7.86 12.87
C SER A 127 -23.48 -7.65 12.62
N ALA A 128 -24.26 -7.73 13.68
CA ALA A 128 -25.70 -7.56 13.54
C ALA A 128 -26.00 -6.19 12.89
N GLY A 129 -25.28 -5.16 13.33
CA GLY A 129 -25.52 -3.86 12.75
C GLY A 129 -25.50 -3.97 11.24
N GLY A 130 -24.82 -4.99 10.74
CA GLY A 130 -24.72 -5.19 9.31
C GLY A 130 -26.00 -5.74 8.77
N HIS A 131 -26.56 -6.71 9.49
CA HIS A 131 -27.81 -7.35 9.10
C HIS A 131 -28.83 -6.29 8.72
N LEU A 132 -28.99 -5.28 9.57
CA LEU A 132 -29.94 -4.19 9.30
C LEU A 132 -29.59 -3.52 7.97
N ALA A 133 -28.30 -3.31 7.76
CA ALA A 133 -27.79 -2.66 6.56
C ALA A 133 -28.19 -3.38 5.26
N ALA A 134 -27.89 -4.67 5.19
CA ALA A 134 -28.23 -5.48 4.03
C ALA A 134 -29.74 -5.46 3.90
N TRP A 135 -30.41 -5.58 5.04
CA TRP A 135 -31.88 -5.58 5.13
C TRP A 135 -32.38 -4.33 4.40
N TYR A 136 -31.96 -3.16 4.85
CA TYR A 136 -32.40 -1.92 4.23
C TYR A 136 -31.93 -1.87 2.80
N GLY A 137 -31.04 -2.80 2.45
CA GLY A 137 -30.48 -2.87 1.11
C GLY A 137 -31.46 -3.31 0.05
N ASN A 138 -32.72 -2.88 0.19
CA ASN A 138 -33.82 -3.20 -0.74
C ASN A 138 -35.20 -2.73 -0.26
N SER A 139 -36.04 -2.32 -1.22
CA SER A 139 -37.41 -1.83 -0.98
C SER A 139 -37.42 -0.43 -0.38
N GLU A 140 -37.08 0.55 -1.19
CA GLU A 140 -37.04 1.94 -0.74
C GLU A 140 -37.11 2.84 -1.94
N GLN A 141 -36.78 4.11 -1.75
CA GLN A 141 -36.82 5.01 -2.89
C GLN A 141 -35.62 5.96 -2.98
N ILE A 142 -35.87 7.27 -2.85
CA ILE A 142 -34.79 8.26 -2.92
C ILE A 142 -34.11 8.24 -1.55
N HIS A 143 -33.91 7.01 -1.08
CA HIS A 143 -33.28 6.72 0.19
C HIS A 143 -32.44 5.46 -0.02
N ARG A 144 -32.20 5.13 -1.29
CA ARG A 144 -31.41 3.96 -1.64
C ARG A 144 -29.93 4.32 -1.63
N PRO A 145 -29.13 3.59 -0.85
CA PRO A 145 -27.70 3.85 -0.76
C PRO A 145 -26.97 3.40 -2.03
N LYS A 146 -26.17 4.27 -2.61
CA LYS A 146 -25.44 3.91 -3.83
C LYS A 146 -24.52 2.71 -3.59
N GLY A 147 -24.35 2.34 -2.33
CA GLY A 147 -23.51 1.21 -1.98
C GLY A 147 -23.48 0.95 -0.49
N VAL A 148 -23.13 -0.27 -0.09
CA VAL A 148 -23.08 -0.57 1.33
C VAL A 148 -21.88 -1.43 1.64
N ILE A 149 -21.47 -1.39 2.90
CA ILE A 149 -20.35 -2.16 3.36
C ILE A 149 -20.84 -2.94 4.56
N LEU A 150 -20.41 -4.18 4.64
CA LEU A 150 -20.84 -5.05 5.72
C LEU A 150 -19.66 -5.78 6.36
N CYS A 151 -19.25 -5.30 7.53
CA CYS A 151 -18.16 -5.90 8.28
C CYS A 151 -18.67 -7.09 9.09
N TYR A 152 -18.14 -8.28 8.82
CA TYR A 152 -18.59 -9.49 9.50
C TYR A 152 -20.06 -9.31 9.84
N PRO A 153 -20.92 -9.20 8.82
CA PRO A 153 -22.37 -9.02 8.98
C PRO A 153 -23.15 -10.26 9.37
N VAL A 154 -24.42 -10.05 9.71
CA VAL A 154 -25.31 -11.14 10.08
C VAL A 154 -26.27 -11.28 8.91
N THR A 155 -26.18 -12.40 8.20
CA THR A 155 -27.02 -12.66 7.04
C THR A 155 -28.43 -13.14 7.40
N SER A 156 -28.53 -13.97 8.44
CA SER A 156 -29.82 -14.47 8.90
C SER A 156 -29.70 -15.07 10.29
N PHE A 157 -30.80 -15.05 11.01
CA PHE A 157 -30.84 -15.59 12.36
C PHE A 157 -30.83 -17.10 12.27
N THR A 158 -30.46 -17.62 11.11
CA THR A 158 -30.42 -19.06 10.87
C THR A 158 -29.01 -19.51 10.51
N PHE A 159 -28.06 -18.57 10.54
CA PHE A 159 -26.66 -18.84 10.21
C PHE A 159 -25.76 -18.79 11.43
N GLY A 160 -25.81 -19.83 12.25
CA GLY A 160 -24.98 -19.86 13.43
C GLY A 160 -25.28 -18.76 14.43
N TRP A 161 -26.09 -17.77 14.05
CA TRP A 161 -26.43 -16.68 14.96
C TRP A 161 -27.89 -16.24 14.79
N PRO A 162 -28.60 -15.93 15.89
CA PRO A 162 -28.18 -15.94 17.30
C PRO A 162 -27.73 -17.31 17.81
N SER A 163 -26.62 -17.31 18.54
CA SER A 163 -26.06 -18.55 19.10
C SER A 163 -27.13 -19.33 19.84
N ASP A 164 -27.89 -18.63 20.68
CA ASP A 164 -28.96 -19.28 21.44
C ASP A 164 -30.28 -19.25 20.68
N LEU A 165 -30.90 -20.41 20.55
CA LEU A 165 -32.18 -20.54 19.88
C LEU A 165 -33.20 -19.58 20.51
N SER A 166 -33.17 -19.46 21.84
CA SER A 166 -34.09 -18.58 22.56
C SER A 166 -33.43 -17.57 23.50
N HIS A 167 -33.22 -16.36 23.00
CA HIS A 167 -32.61 -15.29 23.79
C HIS A 167 -33.31 -14.01 23.39
N PHE A 168 -32.73 -13.30 22.42
CA PHE A 168 -33.30 -12.06 21.93
C PHE A 168 -34.57 -12.43 21.19
N ASN A 169 -34.95 -13.70 21.34
CA ASN A 169 -36.14 -14.28 20.72
C ASN A 169 -37.43 -13.74 21.37
N PHE A 170 -38.08 -12.81 20.68
CA PHE A 170 -39.32 -12.21 21.15
C PHE A 170 -40.47 -12.58 20.23
N GLU A 171 -40.54 -13.87 19.92
CA GLU A 171 -41.59 -14.45 19.09
C GLU A 171 -41.42 -14.32 17.57
N ILE A 172 -42.51 -14.01 16.88
CA ILE A 172 -42.55 -13.89 15.42
C ILE A 172 -42.16 -15.23 14.78
N GLU A 173 -43.18 -16.03 14.45
CA GLU A 173 -43.00 -17.33 13.84
C GLU A 173 -42.12 -17.19 12.60
N ASN A 174 -42.62 -16.39 11.64
CA ASN A 174 -41.91 -16.14 10.39
C ASN A 174 -40.48 -15.72 10.69
N ILE A 175 -39.57 -16.69 10.64
CA ILE A 175 -38.16 -16.43 10.92
C ILE A 175 -37.37 -16.34 9.62
N SER A 176 -37.85 -17.04 8.60
CA SER A 176 -37.21 -17.06 7.30
C SER A 176 -37.26 -15.66 6.70
N GLU A 177 -38.22 -14.85 7.17
CA GLU A 177 -38.39 -13.48 6.68
C GLU A 177 -37.21 -12.61 7.10
N TYR A 178 -36.65 -12.90 8.29
CA TYR A 178 -35.51 -12.15 8.82
C TYR A 178 -34.14 -12.67 8.33
N ASN A 179 -34.14 -13.22 7.13
CA ASN A 179 -32.93 -13.70 6.49
C ASN A 179 -32.71 -12.80 5.27
N ILE A 180 -31.90 -11.76 5.45
CA ILE A 180 -31.62 -10.82 4.36
C ILE A 180 -30.78 -11.40 3.22
N SER A 181 -30.53 -12.71 3.25
CA SER A 181 -29.76 -13.37 2.20
C SER A 181 -30.67 -13.51 1.00
N GLU A 182 -31.82 -14.11 1.25
CA GLU A 182 -32.77 -14.31 0.18
C GLU A 182 -33.21 -12.96 -0.36
N LYS A 183 -33.35 -11.98 0.53
CA LYS A 183 -33.78 -10.65 0.13
C LYS A 183 -32.79 -9.89 -0.75
N VAL A 184 -31.97 -10.61 -1.50
CA VAL A 184 -31.00 -10.00 -2.38
C VAL A 184 -31.35 -10.24 -3.85
N THR A 185 -31.44 -9.15 -4.61
CA THR A 185 -31.79 -9.24 -6.02
C THR A 185 -30.87 -8.36 -6.86
N SER A 186 -31.13 -8.34 -8.17
CA SER A 186 -30.34 -7.55 -9.10
C SER A 186 -30.37 -6.08 -8.72
N SER A 187 -31.45 -5.67 -8.06
CA SER A 187 -31.60 -4.27 -7.66
C SER A 187 -30.69 -3.92 -6.47
N THR A 188 -30.25 -4.94 -5.73
CA THR A 188 -29.35 -4.78 -4.58
C THR A 188 -28.11 -3.98 -4.97
N PRO A 189 -27.79 -2.94 -4.20
CA PRO A 189 -26.63 -2.08 -4.48
C PRO A 189 -25.30 -2.78 -4.32
N PRO A 190 -24.24 -2.22 -4.92
CA PRO A 190 -22.92 -2.82 -4.82
C PRO A 190 -22.54 -2.89 -3.34
N THR A 191 -21.89 -3.97 -2.95
CA THR A 191 -21.48 -4.08 -1.57
C THR A 191 -20.06 -4.55 -1.39
N PHE A 192 -19.54 -4.26 -0.21
CA PHE A 192 -18.19 -4.61 0.17
C PHE A 192 -18.37 -5.41 1.44
N ILE A 193 -17.93 -6.66 1.40
CA ILE A 193 -18.05 -7.53 2.58
C ILE A 193 -16.75 -8.22 2.91
N TRP A 194 -16.41 -8.19 4.19
CA TRP A 194 -15.21 -8.84 4.68
C TRP A 194 -15.56 -9.59 5.93
N HIS A 195 -14.79 -10.61 6.24
CA HIS A 195 -15.09 -11.38 7.43
C HIS A 195 -13.88 -12.20 7.85
N THR A 196 -13.67 -12.34 9.16
CA THR A 196 -12.54 -13.12 9.64
C THR A 196 -12.93 -14.60 9.58
N ALA A 197 -12.13 -15.41 8.89
CA ALA A 197 -12.44 -16.84 8.74
C ALA A 197 -12.18 -17.67 10.01
N ASP A 198 -12.78 -17.24 11.12
CA ASP A 198 -12.62 -17.94 12.38
C ASP A 198 -13.50 -17.23 13.41
N ASP A 199 -14.24 -16.22 12.96
CA ASP A 199 -15.12 -15.46 13.84
C ASP A 199 -16.07 -16.45 14.51
N GLU A 200 -15.93 -16.58 15.83
CA GLU A 200 -16.76 -17.52 16.57
C GLU A 200 -18.16 -17.01 16.94
N GLY A 201 -18.34 -15.68 16.97
CA GLY A 201 -19.64 -15.12 17.27
C GLY A 201 -20.61 -15.44 16.12
N VAL A 202 -20.10 -15.35 14.89
CA VAL A 202 -20.86 -15.60 13.67
C VAL A 202 -19.97 -16.15 12.56
N PRO A 203 -20.25 -17.39 12.10
CA PRO A 203 -19.48 -18.04 11.05
C PRO A 203 -19.37 -17.22 9.77
N ILE A 204 -18.23 -17.34 9.09
CA ILE A 204 -18.01 -16.62 7.85
C ILE A 204 -19.11 -17.00 6.86
N TYR A 205 -19.72 -18.16 7.05
CA TYR A 205 -20.78 -18.61 6.16
C TYR A 205 -21.66 -17.40 5.85
N ASN A 206 -22.05 -16.65 6.88
CA ASN A 206 -22.89 -15.44 6.70
C ASN A 206 -22.48 -14.66 5.46
N SER A 207 -21.27 -14.12 5.49
CA SER A 207 -20.78 -13.35 4.37
C SER A 207 -20.56 -14.24 3.14
N LEU A 208 -20.01 -15.42 3.36
CA LEU A 208 -19.76 -16.37 2.29
C LEU A 208 -20.97 -16.63 1.43
N LYS A 209 -21.95 -17.31 2.00
CA LYS A 209 -23.19 -17.62 1.31
C LYS A 209 -23.73 -16.32 0.72
N TYR A 210 -23.66 -15.24 1.48
CA TYR A 210 -24.19 -13.98 1.00
C TYR A 210 -23.57 -13.62 -0.33
N CYS A 211 -22.25 -13.77 -0.43
CA CYS A 211 -21.53 -13.45 -1.69
C CYS A 211 -22.07 -14.28 -2.84
N ASP A 212 -22.18 -15.59 -2.61
CA ASP A 212 -22.71 -16.51 -3.60
C ASP A 212 -24.06 -15.95 -4.02
N ARG A 213 -24.97 -15.84 -3.05
CA ARG A 213 -26.32 -15.32 -3.32
C ARG A 213 -26.25 -13.82 -3.59
N LEU A 214 -25.14 -13.36 -4.14
CA LEU A 214 -24.98 -11.96 -4.44
C LEU A 214 -24.36 -11.84 -5.81
N SER A 215 -23.58 -12.85 -6.16
CA SER A 215 -22.93 -12.87 -7.45
C SER A 215 -23.91 -13.40 -8.50
N LYS A 216 -24.66 -14.43 -8.12
CA LYS A 216 -25.63 -15.06 -9.01
C LYS A 216 -26.62 -14.04 -9.52
N HIS A 217 -26.72 -12.92 -8.83
CA HIS A 217 -27.62 -11.88 -9.28
C HIS A 217 -26.82 -10.77 -9.93
N GLN A 218 -25.68 -11.14 -10.47
CA GLN A 218 -24.81 -10.19 -11.16
C GLN A 218 -24.69 -8.83 -10.44
N VAL A 219 -24.52 -8.88 -9.12
CA VAL A 219 -24.38 -7.68 -8.30
C VAL A 219 -22.90 -7.40 -8.10
N PRO A 220 -22.42 -6.23 -8.58
CA PRO A 220 -21.01 -5.88 -8.46
C PRO A 220 -20.64 -5.71 -6.98
N PHE A 221 -19.62 -6.46 -6.54
CA PHE A 221 -19.21 -6.40 -5.15
C PHE A 221 -17.77 -6.84 -4.99
N GLU A 222 -17.26 -6.64 -3.79
CA GLU A 222 -15.88 -7.00 -3.50
C GLU A 222 -15.92 -7.69 -2.16
N ALA A 223 -15.08 -8.71 -2.00
CA ALA A 223 -15.04 -9.44 -0.75
C ALA A 223 -13.61 -9.69 -0.30
N HIS A 224 -13.47 -9.83 1.00
CA HIS A 224 -12.19 -10.08 1.61
C HIS A 224 -12.41 -10.94 2.83
N PHE A 225 -11.59 -11.96 2.97
CA PHE A 225 -11.71 -12.84 4.11
C PHE A 225 -10.38 -13.14 4.76
N PHE A 226 -10.18 -12.61 5.96
CA PHE A 226 -8.93 -12.77 6.70
C PHE A 226 -8.84 -14.10 7.43
N GLU A 227 -7.62 -14.58 7.60
CA GLU A 227 -7.36 -15.86 8.24
C GLU A 227 -8.01 -15.97 9.62
N SER A 228 -7.53 -15.18 10.57
CA SER A 228 -8.07 -15.23 11.92
C SER A 228 -8.47 -13.85 12.44
N GLY A 229 -9.19 -13.85 13.58
CA GLY A 229 -9.65 -12.63 14.22
C GLY A 229 -11.02 -12.79 14.87
N PRO A 230 -11.18 -12.37 16.15
CA PRO A 230 -12.44 -12.46 16.93
C PRO A 230 -13.55 -11.54 16.39
N HIS A 231 -14.79 -11.83 16.77
CA HIS A 231 -15.94 -11.05 16.32
C HIS A 231 -15.92 -9.64 16.90
N GLY A 232 -16.36 -8.66 16.10
CA GLY A 232 -16.37 -7.27 16.54
C GLY A 232 -15.01 -6.58 16.39
N VAL A 233 -14.10 -7.22 15.66
CA VAL A 233 -12.76 -6.69 15.43
C VAL A 233 -12.74 -5.20 15.07
N SER A 234 -13.78 -4.76 14.38
CA SER A 234 -13.90 -3.36 13.95
C SER A 234 -12.74 -2.90 13.08
N LEU A 235 -12.01 -1.89 13.54
CA LEU A 235 -10.87 -1.35 12.81
C LEU A 235 -9.58 -2.12 13.08
N ALA A 236 -9.60 -3.01 14.07
CA ALA A 236 -8.43 -3.81 14.41
C ALA A 236 -7.25 -2.91 14.79
N ASN A 237 -7.55 -1.65 15.09
CA ASN A 237 -6.55 -0.65 15.45
C ASN A 237 -6.58 -0.46 16.94
N ARG A 238 -5.53 0.13 17.49
CA ARG A 238 -5.50 0.35 18.92
C ARG A 238 -6.61 1.33 19.30
N THR A 239 -7.44 1.72 18.32
CA THR A 239 -8.56 2.63 18.57
C THR A 239 -9.79 1.80 18.90
N THR A 240 -9.89 0.65 18.24
CA THR A 240 -11.02 -0.27 18.44
C THR A 240 -10.53 -1.68 18.82
N ALA A 241 -10.28 -1.90 20.10
CA ALA A 241 -9.80 -3.20 20.55
C ALA A 241 -9.54 -3.22 22.04
N PRO A 242 -10.26 -4.10 22.76
CA PRO A 242 -10.15 -4.25 24.21
C PRO A 242 -8.78 -4.80 24.63
N SER A 243 -8.42 -5.97 24.11
CA SER A 243 -7.15 -6.60 24.41
C SER A 243 -6.21 -6.55 23.22
N ASP A 244 -5.11 -7.30 23.28
CA ASP A 244 -4.14 -7.34 22.20
C ASP A 244 -4.64 -8.13 21.01
N ALA A 245 -5.36 -9.22 21.29
CA ALA A 245 -5.88 -10.09 20.24
C ALA A 245 -6.85 -9.36 19.34
N TYR A 246 -7.44 -8.29 19.86
CA TYR A 246 -8.39 -7.48 19.11
C TYR A 246 -7.70 -6.36 18.30
N CYS A 247 -6.38 -6.38 18.29
CA CYS A 247 -5.59 -5.42 17.55
C CYS A 247 -4.83 -6.17 16.49
N LEU A 248 -5.40 -6.24 15.29
CA LEU A 248 -4.78 -6.97 14.19
C LEU A 248 -4.44 -6.05 13.02
N PRO A 249 -3.15 -5.85 12.74
CA PRO A 249 -2.70 -4.98 11.65
C PRO A 249 -3.14 -5.49 10.29
N SER A 250 -3.00 -6.80 10.07
CA SER A 250 -3.37 -7.36 8.78
C SER A 250 -4.84 -7.14 8.47
N VAL A 251 -5.68 -7.32 9.50
CA VAL A 251 -7.13 -7.16 9.37
C VAL A 251 -7.50 -5.69 9.19
N HIS A 252 -6.76 -4.81 9.87
CA HIS A 252 -7.02 -3.40 9.79
C HIS A 252 -7.00 -2.93 8.33
N ARG A 253 -6.39 -3.72 7.45
CA ARG A 253 -6.31 -3.36 6.04
C ARG A 253 -7.65 -3.15 5.37
N TRP A 254 -8.71 -3.72 5.93
CA TRP A 254 -10.02 -3.58 5.33
C TRP A 254 -10.45 -2.15 5.22
N VAL A 255 -10.30 -1.40 6.31
CA VAL A 255 -10.69 0.01 6.31
C VAL A 255 -10.00 0.77 5.18
N SER A 256 -8.90 0.21 4.68
CA SER A 256 -8.17 0.84 3.59
C SER A 256 -8.76 0.34 2.28
N TRP A 257 -8.99 -0.97 2.19
CA TRP A 257 -9.59 -1.55 0.99
C TRP A 257 -10.94 -0.83 0.83
N ALA A 258 -11.73 -0.77 1.90
CA ALA A 258 -13.02 -0.11 1.83
C ALA A 258 -12.86 1.28 1.28
N SER A 259 -11.92 2.05 1.79
CA SER A 259 -11.75 3.40 1.26
C SER A 259 -11.66 3.43 -0.25
N ASP A 260 -10.74 2.65 -0.81
CA ASP A 260 -10.55 2.59 -2.25
C ASP A 260 -11.83 2.14 -2.95
N TRP A 261 -12.47 1.12 -2.40
CA TRP A 261 -13.68 0.63 -3.02
C TRP A 261 -14.70 1.76 -3.15
N LEU A 262 -15.07 2.34 -2.02
CA LEU A 262 -16.03 3.44 -1.99
C LEU A 262 -15.70 4.43 -3.08
N GLU A 263 -14.56 5.09 -2.94
CA GLU A 263 -14.18 6.08 -3.93
C GLU A 263 -14.19 5.52 -5.35
N ARG A 264 -13.85 4.26 -5.51
CA ARG A 264 -13.89 3.70 -6.84
C ARG A 264 -15.34 3.82 -7.31
N GLN A 265 -16.29 3.64 -6.39
CA GLN A 265 -17.70 3.76 -6.76
C GLN A 265 -18.08 5.23 -7.03
N ILE A 266 -17.57 6.16 -6.23
CA ILE A 266 -17.88 7.56 -6.44
C ILE A 266 -17.55 7.95 -7.85
N LYS A 267 -16.31 7.70 -8.25
CA LYS A 267 -15.83 8.04 -9.60
C LYS A 267 -16.73 7.41 -10.65
N ASN A 268 -17.00 6.12 -10.45
CA ASN A 268 -17.83 5.28 -11.33
C ASN A 268 -19.32 5.45 -11.01
N LEU A 269 -19.73 6.71 -10.86
CA LEU A 269 -21.13 7.09 -10.57
C LEU A 269 -21.46 8.26 -11.49
N GLU A 270 -20.42 9.01 -11.86
CA GLU A 270 -20.49 10.15 -12.78
C GLU A 270 -19.09 10.71 -12.98
N ASN B 15 20.22 -19.58 -14.48
CA ASN B 15 18.98 -18.80 -14.26
C ASN B 15 17.72 -19.56 -14.63
N LYS B 16 17.82 -20.47 -15.61
CA LYS B 16 16.69 -21.29 -16.09
C LYS B 16 17.11 -22.50 -16.91
N SER B 17 16.46 -23.63 -16.66
CA SER B 17 16.76 -24.86 -17.36
C SER B 17 15.61 -25.85 -17.13
N THR B 18 15.12 -26.46 -18.21
CA THR B 18 14.01 -27.40 -18.10
C THR B 18 14.46 -28.80 -17.68
N PHE B 19 13.55 -29.57 -17.09
CA PHE B 19 13.85 -30.93 -16.68
C PHE B 19 12.72 -31.87 -17.08
N SER B 20 13.04 -32.80 -17.97
CA SER B 20 12.07 -33.76 -18.45
C SER B 20 11.54 -34.57 -17.26
N LEU B 21 10.23 -34.80 -17.27
CA LEU B 21 9.56 -35.54 -16.20
C LEU B 21 9.09 -36.89 -16.71
N ASN B 22 8.02 -36.87 -17.50
CA ASN B 22 7.48 -38.09 -18.07
C ASN B 22 7.47 -38.02 -19.59
N ASP B 23 6.74 -38.92 -20.21
CA ASP B 23 6.67 -38.96 -21.64
C ASP B 23 6.14 -37.60 -22.12
N THR B 24 5.19 -37.06 -21.36
CA THR B 24 4.58 -35.79 -21.70
C THR B 24 4.34 -34.94 -20.46
N ALA B 25 5.37 -34.20 -20.05
CA ALA B 25 5.27 -33.37 -18.86
C ALA B 25 6.54 -32.57 -18.62
N TRP B 26 6.57 -31.34 -19.14
CA TRP B 26 7.71 -30.45 -18.96
C TRP B 26 7.66 -29.85 -17.56
N VAL B 27 8.82 -29.45 -17.05
CA VAL B 27 8.90 -28.82 -15.73
C VAL B 27 9.99 -27.77 -15.76
N ASP B 28 9.62 -26.57 -16.18
CA ASP B 28 10.54 -25.46 -16.25
C ASP B 28 10.96 -25.06 -14.83
N PHE B 29 12.26 -24.95 -14.60
CA PHE B 29 12.75 -24.58 -13.28
C PHE B 29 13.54 -23.28 -13.31
N TYR B 30 12.98 -22.23 -12.71
CA TYR B 30 13.65 -20.94 -12.69
C TYR B 30 14.43 -20.78 -11.39
N GLN B 31 15.70 -20.42 -11.51
CA GLN B 31 16.55 -20.24 -10.35
C GLN B 31 17.38 -18.99 -10.49
N LEU B 32 17.68 -18.36 -9.37
CA LEU B 32 18.52 -17.18 -9.37
C LEU B 32 19.53 -17.39 -8.25
N GLN B 33 20.31 -16.36 -7.93
CA GLN B 33 21.29 -16.46 -6.83
C GLN B 33 21.64 -15.10 -6.23
N ASN B 34 21.63 -15.00 -4.90
CA ASN B 34 21.95 -13.74 -4.23
C ASN B 34 23.21 -13.11 -4.78
N TYR B 41 22.19 -18.78 1.17
CA TYR B 41 20.74 -18.69 1.32
C TYR B 41 20.02 -19.95 0.82
N THR B 42 18.71 -19.96 1.01
CA THR B 42 17.88 -21.06 0.61
C THR B 42 16.51 -20.46 0.39
N PHE B 43 16.35 -19.80 -0.75
CA PHE B 43 15.08 -19.17 -1.09
C PHE B 43 13.91 -20.14 -1.15
N PRO B 44 12.77 -19.74 -0.58
CA PRO B 44 11.61 -20.62 -0.60
C PRO B 44 11.10 -20.70 -2.03
N ALA B 45 10.97 -21.91 -2.55
CA ALA B 45 10.49 -22.09 -3.92
C ALA B 45 8.99 -22.22 -3.95
N ILE B 46 8.44 -22.20 -5.15
CA ILE B 46 7.01 -22.30 -5.33
C ILE B 46 6.70 -22.89 -6.71
N ILE B 47 5.92 -23.96 -6.72
CA ILE B 47 5.55 -24.60 -7.97
C ILE B 47 4.28 -23.97 -8.48
N ILE B 48 4.20 -23.77 -9.78
CA ILE B 48 3.00 -23.18 -10.38
C ILE B 48 2.29 -24.15 -11.32
N CYS B 49 0.98 -24.03 -11.38
CA CYS B 49 0.17 -24.87 -12.25
C CYS B 49 -0.71 -24.03 -13.16
N PRO B 50 -0.15 -23.63 -14.30
CA PRO B 50 -0.87 -22.81 -15.26
C PRO B 50 -2.16 -23.46 -15.71
N GLY B 51 -3.20 -22.64 -15.87
CA GLY B 51 -4.50 -23.13 -16.29
C GLY B 51 -4.62 -23.37 -17.78
N GLY B 52 -5.78 -23.83 -18.23
CA GLY B 52 -5.94 -24.08 -19.65
C GLY B 52 -6.87 -25.24 -19.92
N GLY B 53 -7.78 -25.47 -18.98
CA GLY B 53 -8.76 -26.53 -19.10
C GLY B 53 -8.25 -27.93 -19.46
N TYR B 54 -7.06 -28.27 -18.95
CA TYR B 54 -6.45 -29.57 -19.21
C TYR B 54 -6.21 -29.80 -20.69
N GLN B 55 -6.69 -28.86 -21.50
CA GLN B 55 -6.52 -28.92 -22.96
C GLN B 55 -5.07 -28.50 -23.29
N HIS B 56 -4.70 -27.28 -22.89
CA HIS B 56 -3.36 -26.76 -23.14
C HIS B 56 -2.80 -26.09 -21.88
N ILE B 57 -1.87 -25.15 -22.08
CA ILE B 57 -1.26 -24.44 -20.97
C ILE B 57 -1.33 -22.92 -21.24
N SER B 58 -2.28 -22.27 -20.59
CA SER B 58 -2.46 -20.83 -20.75
C SER B 58 -1.12 -20.13 -20.59
N GLN B 59 -0.54 -19.73 -21.71
CA GLN B 59 0.75 -19.08 -21.72
C GLN B 59 0.75 -17.85 -20.79
N ARG B 60 -0.34 -17.08 -20.86
CA ARG B 60 -0.44 -15.89 -20.03
C ARG B 60 -0.60 -16.19 -18.54
N GLU B 61 -0.30 -17.43 -18.15
CA GLU B 61 -0.39 -17.86 -16.76
C GLU B 61 0.89 -18.61 -16.43
N SER B 62 1.88 -18.52 -17.31
CA SER B 62 3.16 -19.18 -17.09
C SER B 62 4.31 -18.20 -16.90
N ASP B 63 5.22 -18.20 -17.86
CA ASP B 63 6.39 -17.33 -17.81
C ASP B 63 6.15 -15.99 -17.13
N PRO B 64 5.10 -15.25 -17.52
CA PRO B 64 4.84 -13.95 -16.89
C PRO B 64 4.60 -14.13 -15.38
N LEU B 65 3.78 -15.11 -15.05
CA LEU B 65 3.46 -15.40 -13.67
C LEU B 65 4.77 -15.75 -12.92
N ALA B 66 5.61 -16.56 -13.56
CA ALA B 66 6.89 -16.97 -12.99
C ALA B 66 7.69 -15.77 -12.55
N LEU B 67 7.99 -14.90 -13.50
CA LEU B 67 8.77 -13.69 -13.20
C LEU B 67 8.16 -12.99 -12.00
N ALA B 68 6.84 -12.73 -12.04
CA ALA B 68 6.22 -12.05 -10.93
C ALA B 68 6.81 -12.50 -9.60
N PHE B 69 6.71 -13.80 -9.32
CA PHE B 69 7.19 -14.38 -8.07
C PHE B 69 8.71 -14.41 -7.98
N LEU B 70 9.32 -14.80 -9.08
CA LEU B 70 10.75 -14.88 -9.13
C LEU B 70 11.26 -13.51 -8.70
N ALA B 71 10.47 -12.48 -8.98
CA ALA B 71 10.88 -11.14 -8.61
C ALA B 71 10.60 -10.86 -7.15
N GLN B 72 9.51 -11.47 -6.67
CA GLN B 72 9.06 -11.33 -5.30
C GLN B 72 9.93 -12.21 -4.38
N GLY B 73 11.03 -12.71 -4.92
CA GLY B 73 11.96 -13.53 -4.14
C GLY B 73 11.58 -14.98 -3.92
N TYR B 74 11.25 -15.68 -4.99
CA TYR B 74 10.86 -17.08 -4.88
C TYR B 74 11.40 -17.90 -6.06
N GLN B 75 11.95 -19.06 -5.74
CA GLN B 75 12.46 -19.95 -6.77
C GLN B 75 11.19 -20.43 -7.46
N VAL B 76 11.18 -20.44 -8.77
CA VAL B 76 9.99 -20.86 -9.48
C VAL B 76 10.12 -22.17 -10.25
N LEU B 77 9.15 -23.05 -10.06
CA LEU B 77 9.10 -24.33 -10.75
C LEU B 77 7.81 -24.37 -11.53
N LEU B 78 7.88 -23.95 -12.79
CA LEU B 78 6.69 -23.93 -13.64
C LEU B 78 6.47 -25.35 -14.17
N LEU B 79 5.36 -25.96 -13.78
CA LEU B 79 5.05 -27.30 -14.23
C LEU B 79 4.17 -27.35 -15.47
N ASN B 80 4.68 -27.98 -16.52
CA ASN B 80 3.94 -28.13 -17.78
C ASN B 80 3.31 -29.52 -17.84
N TYR B 81 2.41 -29.76 -16.89
CA TYR B 81 1.71 -31.02 -16.75
C TYR B 81 0.94 -31.46 -17.99
N THR B 82 1.00 -32.77 -18.25
CA THR B 82 0.33 -33.37 -19.39
C THR B 82 -1.11 -32.88 -19.60
N VAL B 83 -1.49 -32.65 -20.85
CA VAL B 83 -2.83 -32.18 -21.21
C VAL B 83 -3.25 -32.71 -22.58
N ASN B 85 -3.12 -31.80 -25.30
CA ASN B 85 -2.35 -31.17 -26.36
C ASN B 85 -1.20 -32.05 -26.83
N LYS B 86 -1.21 -33.31 -26.41
CA LYS B 86 -0.16 -34.25 -26.82
C LYS B 86 -0.72 -35.64 -27.05
N GLY B 87 -1.85 -35.73 -27.75
CA GLY B 87 -2.45 -37.03 -28.01
C GLY B 87 -3.04 -37.61 -26.74
N THR B 88 -4.27 -37.23 -26.44
CA THR B 88 -4.95 -37.70 -25.24
C THR B 88 -5.59 -39.07 -25.41
N ASN B 89 -5.40 -39.91 -24.39
CA ASN B 89 -5.96 -41.26 -24.37
C ASN B 89 -6.88 -41.42 -23.16
N TYR B 90 -6.26 -41.67 -21.99
CA TYR B 90 -7.00 -41.87 -20.73
C TYR B 90 -7.02 -40.60 -19.87
N ASN B 91 -7.90 -40.58 -18.87
CA ASN B 91 -8.01 -39.46 -17.95
C ASN B 91 -6.77 -39.36 -17.10
N PHE B 92 -5.76 -38.71 -17.67
CA PHE B 92 -4.47 -38.50 -17.02
C PHE B 92 -4.61 -37.63 -15.79
N LEU B 93 -5.85 -37.28 -15.47
CA LEU B 93 -6.13 -36.45 -14.30
C LEU B 93 -5.43 -37.06 -13.09
N SER B 94 -5.11 -38.34 -13.18
CA SER B 94 -4.42 -39.01 -12.09
C SER B 94 -2.94 -38.93 -12.38
N GLN B 95 -2.59 -39.06 -13.65
CA GLN B 95 -1.20 -39.01 -14.05
C GLN B 95 -0.59 -37.64 -13.73
N ASN B 96 -1.45 -36.62 -13.64
CA ASN B 96 -0.98 -35.27 -13.33
C ASN B 96 -0.41 -35.21 -11.91
N LEU B 97 -1.25 -35.56 -10.93
CA LEU B 97 -0.84 -35.56 -9.54
C LEU B 97 0.55 -36.16 -9.42
N GLU B 98 0.84 -37.14 -10.26
CA GLU B 98 2.14 -37.82 -10.27
C GLU B 98 3.17 -36.77 -10.68
N GLU B 99 2.96 -36.19 -11.86
CA GLU B 99 3.86 -35.19 -12.41
C GLU B 99 4.23 -34.11 -11.36
N VAL B 100 3.23 -33.46 -10.78
CA VAL B 100 3.50 -32.44 -9.78
C VAL B 100 4.31 -33.07 -8.64
N GLN B 101 3.88 -34.25 -8.21
CA GLN B 101 4.56 -34.96 -7.14
C GLN B 101 6.05 -35.05 -7.51
N ALA B 102 6.32 -35.49 -8.72
CA ALA B 102 7.69 -35.64 -9.20
C ALA B 102 8.48 -34.38 -8.98
N VAL B 103 7.79 -33.24 -9.04
CA VAL B 103 8.44 -31.96 -8.87
C VAL B 103 9.00 -31.87 -7.46
N PHE B 104 8.15 -32.14 -6.47
CA PHE B 104 8.58 -32.10 -5.08
C PHE B 104 9.75 -33.05 -4.94
N SER B 105 9.57 -34.26 -5.49
CA SER B 105 10.59 -35.30 -5.46
C SER B 105 11.88 -34.68 -5.95
N LEU B 106 11.82 -34.08 -7.14
CA LEU B 106 13.00 -33.44 -7.69
C LEU B 106 13.62 -32.50 -6.65
N ILE B 107 12.80 -31.72 -5.97
CA ILE B 107 13.30 -30.80 -4.96
C ILE B 107 13.90 -31.57 -3.78
N HIS B 108 13.10 -32.47 -3.22
CA HIS B 108 13.51 -33.30 -2.07
C HIS B 108 14.94 -33.86 -2.25
N GLN B 109 15.33 -34.09 -3.51
CA GLN B 109 16.66 -34.64 -3.78
C GLN B 109 17.64 -33.61 -4.28
N ASN B 110 17.16 -32.54 -4.90
CA ASN B 110 18.07 -31.52 -5.39
C ASN B 110 17.87 -30.20 -4.67
N HIS B 111 17.38 -30.28 -3.43
CA HIS B 111 17.11 -29.09 -2.65
C HIS B 111 18.38 -28.34 -2.24
N LYS B 112 19.51 -29.05 -2.19
CA LYS B 112 20.77 -28.39 -1.83
C LYS B 112 21.30 -27.59 -3.02
N GLU B 113 21.29 -28.23 -4.19
CA GLU B 113 21.76 -27.61 -5.41
C GLU B 113 20.83 -26.47 -5.84
N TRP B 114 19.53 -26.75 -5.84
CA TRP B 114 18.53 -25.76 -6.23
C TRP B 114 18.52 -24.55 -5.28
N GLN B 115 19.32 -24.61 -4.22
CA GLN B 115 19.40 -23.52 -3.27
C GLN B 115 18.01 -23.24 -2.67
N ILE B 116 17.15 -24.25 -2.70
CA ILE B 116 15.79 -24.15 -2.20
C ILE B 116 15.63 -24.68 -0.78
N ASN B 117 14.79 -24.02 0.01
CA ASN B 117 14.56 -24.52 1.37
C ASN B 117 13.38 -25.51 1.32
N PRO B 118 13.67 -26.83 1.31
CA PRO B 118 12.65 -27.87 1.24
C PRO B 118 11.48 -27.69 2.19
N GLU B 119 11.70 -26.92 3.25
CA GLU B 119 10.63 -26.71 4.21
C GLU B 119 9.82 -25.47 3.84
N GLN B 120 10.08 -24.93 2.67
CA GLN B 120 9.39 -23.74 2.20
C GLN B 120 8.98 -23.84 0.72
N VAL B 121 8.26 -24.91 0.40
CA VAL B 121 7.76 -25.17 -0.95
C VAL B 121 6.24 -25.02 -0.99
N PHE B 122 5.77 -24.15 -1.89
CA PHE B 122 4.34 -23.88 -2.05
C PHE B 122 3.84 -24.21 -3.44
N LEU B 123 2.53 -24.37 -3.54
CA LEU B 123 1.91 -24.70 -4.80
C LEU B 123 0.97 -23.62 -5.28
N LEU B 124 1.06 -23.30 -6.57
CA LEU B 124 0.21 -22.29 -7.17
C LEU B 124 -0.49 -22.88 -8.37
N GLY B 125 -1.69 -22.37 -8.66
CA GLY B 125 -2.48 -22.83 -9.79
C GLY B 125 -3.61 -21.86 -10.06
N CYS B 126 -4.04 -21.75 -11.30
CA CYS B 126 -5.16 -20.86 -11.61
C CYS B 126 -6.12 -21.52 -12.59
N SER B 127 -7.39 -21.14 -12.55
CA SER B 127 -8.39 -21.74 -13.42
C SER B 127 -8.23 -23.23 -13.18
N ALA B 128 -8.33 -24.02 -14.24
CA ALA B 128 -8.16 -25.45 -14.13
C ALA B 128 -6.81 -25.79 -13.49
N GLY B 129 -5.77 -25.07 -13.87
CA GLY B 129 -4.46 -25.35 -13.31
C GLY B 129 -4.57 -25.35 -11.80
N GLY B 130 -5.57 -24.64 -11.29
CA GLY B 130 -5.78 -24.56 -9.86
C GLY B 130 -6.37 -25.85 -9.34
N HIS B 131 -7.37 -26.36 -10.06
CA HIS B 131 -8.02 -27.60 -9.69
C HIS B 131 -6.98 -28.67 -9.33
N LEU B 132 -5.97 -28.84 -10.17
CA LEU B 132 -4.92 -29.82 -9.91
C LEU B 132 -4.24 -29.49 -8.59
N ALA B 133 -3.97 -28.19 -8.39
CA ALA B 133 -3.32 -27.71 -7.17
C ALA B 133 -4.05 -28.11 -5.90
N ALA B 134 -5.34 -27.79 -5.83
CA ALA B 134 -6.14 -28.13 -4.66
C ALA B 134 -6.17 -29.65 -4.56
N TRP B 135 -6.30 -30.30 -5.72
CA TRP B 135 -6.34 -31.76 -5.81
C TRP B 135 -5.12 -32.31 -5.08
N TYR B 136 -3.94 -31.91 -5.53
CA TYR B 136 -2.70 -32.39 -4.91
C TYR B 136 -2.64 -31.93 -3.46
N GLY B 137 -3.54 -31.03 -3.10
CA GLY B 137 -3.59 -30.50 -1.75
C GLY B 137 -4.07 -31.48 -0.69
N ASN B 138 -3.64 -32.74 -0.85
CA ASN B 138 -3.99 -33.83 0.07
C ASN B 138 -3.54 -35.21 -0.44
N SER B 139 -3.16 -36.08 0.50
CA SER B 139 -2.70 -37.44 0.22
C SER B 139 -1.30 -37.48 -0.39
N GLU B 140 -0.31 -37.18 0.43
CA GLU B 140 1.07 -37.15 -0.01
C GLU B 140 1.97 -37.28 1.18
N GLN B 141 3.25 -36.97 1.01
CA GLN B 141 4.15 -37.04 2.15
C GLN B 141 5.12 -35.86 2.28
N ILE B 142 6.42 -36.13 2.13
CA ILE B 142 7.44 -35.08 2.22
C ILE B 142 7.43 -34.36 0.87
N HIS B 143 6.22 -34.14 0.40
CA HIS B 143 5.92 -33.49 -0.87
C HIS B 143 4.68 -32.63 -0.65
N ARG B 144 4.37 -32.39 0.62
CA ARG B 144 3.22 -31.57 1.00
C ARG B 144 3.60 -30.11 1.00
N PRO B 145 2.88 -29.28 0.22
CA PRO B 145 3.17 -27.85 0.15
C PRO B 145 2.73 -27.13 1.43
N LYS B 146 3.63 -26.36 2.04
CA LYS B 146 3.27 -25.66 3.26
C LYS B 146 2.09 -24.71 3.05
N GLY B 147 1.71 -24.51 1.79
CA GLY B 147 0.60 -23.65 1.45
C GLY B 147 0.37 -23.57 -0.05
N VAL B 148 -0.86 -23.25 -0.43
CA VAL B 148 -1.17 -23.14 -1.86
C VAL B 148 -2.02 -21.91 -2.15
N ILE B 149 -1.96 -21.49 -3.40
CA ILE B 149 -2.68 -20.33 -3.85
C ILE B 149 -3.48 -20.81 -5.05
N LEU B 150 -4.72 -20.36 -5.12
CA LEU B 150 -5.59 -20.74 -6.22
C LEU B 150 -6.28 -19.53 -6.85
N CYS B 151 -5.81 -19.13 -8.02
CA CYS B 151 -6.35 -18.00 -8.74
C CYS B 151 -7.54 -18.48 -9.53
N TYR B 152 -8.73 -17.91 -9.29
CA TYR B 152 -9.94 -18.32 -9.97
C TYR B 152 -9.81 -19.80 -10.33
N PRO B 153 -9.71 -20.67 -9.32
CA PRO B 153 -9.56 -22.12 -9.50
C PRO B 153 -10.81 -22.88 -9.92
N VAL B 154 -10.64 -24.15 -10.27
CA VAL B 154 -11.74 -25.00 -10.65
C VAL B 154 -11.91 -25.98 -9.51
N THR B 155 -13.04 -25.88 -8.81
CA THR B 155 -13.34 -26.73 -7.66
C THR B 155 -13.84 -28.12 -8.05
N SER B 156 -14.68 -28.19 -9.08
CA SER B 156 -15.18 -29.47 -9.55
C SER B 156 -15.78 -29.32 -10.93
N PHE B 157 -15.78 -30.42 -11.67
CA PHE B 157 -16.31 -30.44 -13.02
C PHE B 157 -17.81 -30.41 -12.95
N THR B 158 -18.32 -30.02 -11.78
CA THR B 158 -19.75 -29.94 -11.55
C THR B 158 -20.18 -28.52 -11.17
N PHE B 159 -19.23 -27.59 -11.18
CA PHE B 159 -19.47 -26.20 -10.83
C PHE B 159 -19.41 -25.29 -12.03
N GLY B 160 -20.45 -25.30 -12.85
CA GLY B 160 -20.46 -24.46 -14.02
C GLY B 160 -19.37 -24.76 -15.04
N TRP B 161 -18.39 -25.59 -14.68
CA TRP B 161 -17.32 -25.94 -15.60
C TRP B 161 -16.91 -27.41 -15.43
N PRO B 162 -16.60 -28.12 -16.53
CA PRO B 162 -16.59 -27.68 -17.94
C PRO B 162 -17.94 -27.20 -18.46
N SER B 163 -17.91 -26.06 -19.15
CA SER B 163 -19.12 -25.47 -19.70
C SER B 163 -19.94 -26.51 -20.47
N ASP B 164 -19.26 -27.29 -21.31
CA ASP B 164 -19.93 -28.32 -22.09
C ASP B 164 -19.94 -29.67 -21.36
N LEU B 165 -21.12 -30.26 -21.26
CA LEU B 165 -21.28 -31.55 -20.59
C LEU B 165 -20.34 -32.56 -21.23
N SER B 166 -20.21 -32.52 -22.56
CA SER B 166 -19.34 -33.45 -23.30
C SER B 166 -18.33 -32.79 -24.23
N HIS B 167 -17.11 -32.63 -23.73
CA HIS B 167 -16.02 -32.04 -24.51
C HIS B 167 -14.74 -32.76 -24.09
N PHE B 168 -14.03 -32.21 -23.12
CA PHE B 168 -12.79 -32.81 -22.63
C PHE B 168 -13.19 -34.09 -21.90
N ASN B 169 -14.47 -34.44 -22.06
CA ASN B 169 -15.04 -35.61 -21.46
C ASN B 169 -14.55 -36.89 -22.13
N PHE B 170 -13.63 -37.58 -21.45
CA PHE B 170 -13.07 -38.83 -21.93
C PHE B 170 -13.47 -40.00 -21.03
N GLU B 171 -14.77 -40.05 -20.75
CA GLU B 171 -15.37 -41.11 -19.93
C GLU B 171 -15.24 -40.96 -18.40
N ILE B 172 -14.95 -42.07 -17.72
CA ILE B 172 -14.83 -42.12 -16.26
C ILE B 172 -16.17 -41.72 -15.62
N GLU B 173 -16.97 -42.73 -15.30
CA GLU B 173 -18.27 -42.53 -14.67
C GLU B 173 -18.12 -41.67 -13.41
N ASN B 174 -17.34 -42.18 -12.48
CA ASN B 174 -17.07 -41.50 -11.20
C ASN B 174 -16.63 -40.07 -11.46
N ILE B 175 -17.59 -39.16 -11.43
CA ILE B 175 -17.31 -37.74 -11.68
C ILE B 175 -17.21 -36.96 -10.37
N SER B 176 -17.92 -37.46 -9.37
CA SER B 176 -17.91 -36.82 -8.07
C SER B 176 -16.51 -36.92 -7.48
N GLU B 177 -15.73 -37.89 -7.96
CA GLU B 177 -14.36 -38.09 -7.48
C GLU B 177 -13.47 -36.90 -7.86
N TYR B 178 -13.75 -36.32 -9.03
CA TYR B 178 -12.96 -35.20 -9.53
C TYR B 178 -13.43 -33.84 -9.04
N ASN B 179 -14.01 -33.85 -7.85
CA ASN B 179 -14.47 -32.64 -7.19
C ASN B 179 -13.56 -32.45 -5.97
N ILE B 180 -12.51 -31.65 -6.13
CA ILE B 180 -11.56 -31.42 -5.04
C ILE B 180 -12.12 -30.57 -3.87
N SER B 181 -13.42 -30.28 -3.90
CA SER B 181 -14.07 -29.52 -2.82
C SER B 181 -14.23 -30.43 -1.64
N GLU B 182 -14.88 -31.55 -1.90
CA GLU B 182 -15.09 -32.54 -0.85
C GLU B 182 -13.75 -33.01 -0.32
N LYS B 183 -12.78 -33.17 -1.20
CA LYS B 183 -11.46 -33.64 -0.82
C LYS B 183 -10.68 -32.68 0.05
N VAL B 184 -11.40 -31.87 0.82
CA VAL B 184 -10.75 -30.91 1.72
C VAL B 184 -10.99 -31.28 3.17
N THR B 185 -9.91 -31.41 3.93
CA THR B 185 -9.97 -31.77 5.34
C THR B 185 -9.09 -30.89 6.20
N SER B 186 -9.10 -31.17 7.50
CA SER B 186 -8.31 -30.42 8.46
C SER B 186 -6.81 -30.47 8.10
N SER B 187 -6.42 -31.54 7.41
CA SER B 187 -5.03 -31.70 7.01
C SER B 187 -4.67 -30.76 5.84
N THR B 188 -5.69 -30.31 5.11
CA THR B 188 -5.49 -29.38 3.96
C THR B 188 -4.66 -28.17 4.38
N PRO B 189 -3.62 -27.85 3.61
CA PRO B 189 -2.74 -26.71 3.90
C PRO B 189 -3.39 -25.36 3.75
N PRO B 190 -2.82 -24.34 4.40
CA PRO B 190 -3.39 -22.99 4.30
C PRO B 190 -3.47 -22.60 2.84
N THR B 191 -4.54 -21.92 2.45
CA THR B 191 -4.65 -21.52 1.06
C THR B 191 -5.09 -20.08 0.87
N PHE B 192 -4.76 -19.55 -0.29
CA PHE B 192 -5.08 -18.18 -0.67
C PHE B 192 -5.89 -18.31 -1.94
N ILE B 193 -7.13 -17.84 -1.88
CA ILE B 193 -8.01 -17.94 -3.03
C ILE B 193 -8.67 -16.63 -3.37
N TRP B 194 -8.61 -16.26 -4.65
CA TRP B 194 -9.25 -15.05 -5.13
C TRP B 194 -9.99 -15.35 -6.40
N HIS B 195 -10.97 -14.55 -6.71
CA HIS B 195 -11.75 -14.82 -7.90
C HIS B 195 -12.56 -13.60 -8.29
N THR B 196 -12.70 -13.37 -9.58
CA THR B 196 -13.46 -12.21 -10.04
C THR B 196 -14.94 -12.54 -9.99
N ALA B 197 -15.73 -11.73 -9.29
CA ALA B 197 -17.16 -12.00 -9.17
C ALA B 197 -17.98 -11.71 -10.43
N ASP B 198 -17.56 -12.31 -11.53
CA ASP B 198 -18.25 -12.15 -12.82
C ASP B 198 -17.57 -13.03 -13.86
N ASP B 199 -16.57 -13.79 -13.41
CA ASP B 199 -15.84 -14.68 -14.30
C ASP B 199 -16.84 -15.60 -14.98
N GLU B 200 -16.99 -15.44 -16.30
CA GLU B 200 -17.95 -16.24 -17.06
C GLU B 200 -17.46 -17.63 -17.43
N GLY B 201 -16.14 -17.83 -17.46
CA GLY B 201 -15.61 -19.14 -17.77
C GLY B 201 -15.93 -20.11 -16.65
N VAL B 202 -15.82 -19.63 -15.40
CA VAL B 202 -16.10 -20.43 -14.22
C VAL B 202 -16.63 -19.56 -13.09
N PRO B 203 -17.88 -19.82 -12.64
CA PRO B 203 -18.53 -19.05 -11.56
C PRO B 203 -17.71 -18.98 -10.27
N ILE B 204 -17.80 -17.85 -9.59
CA ILE B 204 -17.08 -17.66 -8.33
C ILE B 204 -17.49 -18.75 -7.35
N TYR B 205 -18.67 -19.32 -7.57
CA TYR B 205 -19.13 -20.37 -6.68
C TYR B 205 -17.92 -21.26 -6.39
N ASN B 206 -17.19 -21.69 -7.43
CA ASN B 206 -16.02 -22.54 -7.25
C ASN B 206 -15.22 -22.17 -6.02
N SER B 207 -14.64 -20.97 -6.04
CA SER B 207 -13.84 -20.53 -4.91
C SER B 207 -14.73 -20.30 -3.68
N LEU B 208 -15.93 -19.74 -3.90
CA LEU B 208 -16.88 -19.45 -2.83
C LEU B 208 -17.16 -20.70 -1.97
N LYS B 209 -17.85 -21.66 -2.57
CA LYS B 209 -18.20 -22.91 -1.90
C LYS B 209 -16.91 -23.49 -1.32
N TYR B 210 -15.83 -23.39 -2.07
CA TYR B 210 -14.59 -23.94 -1.59
C TYR B 210 -14.20 -23.35 -0.24
N CYS B 211 -14.34 -22.04 -0.09
CA CYS B 211 -13.99 -21.36 1.17
C CYS B 211 -14.84 -21.87 2.32
N ASP B 212 -16.14 -21.95 2.07
CA ASP B 212 -17.08 -22.48 3.07
C ASP B 212 -16.56 -23.85 3.49
N ARG B 213 -16.46 -24.76 2.50
CA ARG B 213 -15.97 -26.12 2.73
C ARG B 213 -14.47 -26.10 2.99
N LEU B 214 -13.99 -25.00 3.56
CA LEU B 214 -12.57 -24.87 3.85
C LEU B 214 -12.47 -24.27 5.22
N SER B 215 -13.47 -23.47 5.58
CA SER B 215 -13.48 -22.83 6.90
C SER B 215 -14.02 -23.80 7.93
N LYS B 216 -15.06 -24.53 7.54
CA LYS B 216 -15.69 -25.51 8.41
C LYS B 216 -14.68 -26.52 8.91
N HIS B 217 -13.57 -26.65 8.21
CA HIS B 217 -12.56 -27.59 8.65
C HIS B 217 -11.44 -26.84 9.32
N GLN B 218 -11.77 -25.68 9.88
CA GLN B 218 -10.80 -24.83 10.58
C GLN B 218 -9.45 -24.73 9.86
N VAL B 219 -9.49 -24.55 8.54
CA VAL B 219 -8.28 -24.42 7.73
C VAL B 219 -7.98 -22.93 7.55
N PRO B 220 -6.81 -22.48 8.04
CA PRO B 220 -6.42 -21.07 7.94
C PRO B 220 -6.24 -20.69 6.46
N PHE B 221 -6.96 -19.65 6.05
CA PHE B 221 -6.91 -19.21 4.68
C PHE B 221 -7.30 -17.76 4.53
N GLU B 222 -7.08 -17.22 3.34
CA GLU B 222 -7.39 -15.84 3.05
C GLU B 222 -8.08 -15.81 1.70
N ALA B 223 -9.12 -15.00 1.56
CA ALA B 223 -9.84 -14.94 0.30
C ALA B 223 -10.08 -13.52 -0.14
N HIS B 224 -10.18 -13.36 -1.45
CA HIS B 224 -10.41 -12.06 -2.03
C HIS B 224 -11.28 -12.25 -3.24
N PHE B 225 -12.28 -11.38 -3.40
CA PHE B 225 -13.17 -11.46 -4.54
C PHE B 225 -13.44 -10.11 -5.15
N PHE B 226 -12.90 -9.92 -6.34
CA PHE B 226 -13.04 -8.68 -7.08
C PHE B 226 -14.39 -8.54 -7.80
N GLU B 227 -14.82 -7.29 -7.97
CA GLU B 227 -16.10 -7.00 -8.60
C GLU B 227 -16.22 -7.62 -9.97
N SER B 228 -15.42 -7.15 -10.91
CA SER B 228 -15.47 -7.68 -12.27
C SER B 228 -14.11 -8.11 -12.80
N GLY B 229 -14.11 -8.81 -13.94
CA GLY B 229 -12.89 -9.28 -14.57
C GLY B 229 -13.07 -10.62 -15.25
N PRO B 230 -12.68 -10.77 -16.53
CA PRO B 230 -12.80 -12.00 -17.32
C PRO B 230 -11.90 -13.15 -16.81
N HIS B 231 -12.21 -14.39 -17.22
CA HIS B 231 -11.44 -15.55 -16.77
C HIS B 231 -10.04 -15.54 -17.37
N GLY B 232 -9.06 -15.99 -16.57
CA GLY B 232 -7.68 -16.03 -17.01
C GLY B 232 -6.95 -14.71 -16.82
N VAL B 233 -7.58 -13.76 -16.11
CA VAL B 233 -7.00 -12.44 -15.86
C VAL B 233 -5.52 -12.46 -15.47
N SER B 234 -5.10 -13.54 -14.83
CA SER B 234 -3.71 -13.71 -14.39
C SER B 234 -3.23 -12.55 -13.51
N LEU B 235 -2.20 -11.85 -13.97
CA LEU B 235 -1.64 -10.73 -13.22
C LEU B 235 -2.39 -9.42 -13.44
N ALA B 236 -3.27 -9.41 -14.44
CA ALA B 236 -4.06 -8.21 -14.75
C ALA B 236 -3.14 -7.05 -15.12
N ASN B 237 -1.88 -7.37 -15.40
CA ASN B 237 -0.86 -6.39 -15.76
C ASN B 237 -0.67 -6.39 -17.25
N ARG B 238 -0.06 -5.33 -17.77
CA ARG B 238 0.17 -5.30 -19.20
C ARG B 238 1.11 -6.43 -19.61
N THR B 239 1.50 -7.26 -18.64
CA THR B 239 2.38 -8.41 -18.90
C THR B 239 1.51 -9.63 -19.25
N THR B 240 0.33 -9.71 -18.62
CA THR B 240 -0.59 -10.82 -18.83
C THR B 240 -1.98 -10.30 -19.20
N ALA B 241 -2.17 -9.98 -20.47
CA ALA B 241 -3.46 -9.48 -20.91
C ALA B 241 -3.48 -9.21 -22.40
N PRO B 242 -4.35 -9.93 -23.14
CA PRO B 242 -4.51 -9.79 -24.59
C PRO B 242 -5.04 -8.39 -24.99
N SER B 243 -6.22 -8.03 -24.47
CA SER B 243 -6.82 -6.72 -24.75
C SER B 243 -6.75 -5.81 -23.52
N ASP B 244 -7.47 -4.70 -23.58
CA ASP B 244 -7.48 -3.73 -22.48
C ASP B 244 -8.27 -4.23 -21.28
N ALA B 245 -9.38 -4.92 -21.58
CA ALA B 245 -10.26 -5.43 -20.55
C ALA B 245 -9.55 -6.45 -19.66
N TYR B 246 -8.50 -7.07 -20.19
CA TYR B 246 -7.72 -8.05 -19.43
C TYR B 246 -6.61 -7.39 -18.62
N CYS B 247 -6.60 -6.07 -18.61
CA CYS B 247 -5.61 -5.29 -17.85
C CYS B 247 -6.35 -4.51 -16.78
N LEU B 248 -6.44 -5.10 -15.59
CA LEU B 248 -7.15 -4.48 -14.49
C LEU B 248 -6.22 -4.19 -13.31
N PRO B 249 -5.98 -2.91 -13.01
CA PRO B 249 -5.11 -2.50 -11.90
C PRO B 249 -5.66 -2.95 -10.53
N SER B 250 -6.96 -2.77 -10.30
CA SER B 250 -7.52 -3.18 -9.02
C SER B 250 -7.35 -4.66 -8.75
N VAL B 251 -7.54 -5.46 -9.79
CA VAL B 251 -7.41 -6.91 -9.68
C VAL B 251 -5.94 -7.31 -9.49
N HIS B 252 -5.05 -6.60 -10.18
CA HIS B 252 -3.63 -6.89 -10.09
C HIS B 252 -3.19 -6.92 -8.66
N ARG B 253 -3.96 -6.28 -7.78
CA ARG B 253 -3.61 -6.24 -6.38
C ARG B 253 -3.41 -7.59 -5.72
N TRP B 254 -4.01 -8.63 -6.27
CA TRP B 254 -3.89 -9.94 -5.65
C TRP B 254 -2.45 -10.44 -5.55
N VAL B 255 -1.69 -10.26 -6.64
CA VAL B 255 -0.31 -10.69 -6.67
C VAL B 255 0.43 -10.03 -5.52
N SER B 256 -0.07 -8.89 -5.06
CA SER B 256 0.57 -8.22 -3.94
C SER B 256 0.05 -8.82 -2.61
N TRP B 257 -1.27 -9.02 -2.53
CA TRP B 257 -1.87 -9.61 -1.34
C TRP B 257 -1.18 -10.96 -1.19
N ALA B 258 -1.15 -11.74 -2.27
CA ALA B 258 -0.52 -13.05 -2.20
C ALA B 258 0.90 -12.93 -1.66
N SER B 259 1.69 -11.98 -2.14
CA SER B 259 3.05 -11.86 -1.62
C SER B 259 3.07 -11.82 -0.10
N ASP B 260 2.31 -10.88 0.45
CA ASP B 260 2.26 -10.71 1.91
C ASP B 260 1.78 -12.00 2.57
N TRP B 261 0.74 -12.59 2.01
CA TRP B 261 0.22 -13.81 2.60
C TRP B 261 1.33 -14.86 2.73
N LEU B 262 1.92 -15.21 1.59
CA LEU B 262 3.00 -16.18 1.56
C LEU B 262 4.01 -15.89 2.64
N GLU B 263 4.68 -14.76 2.53
CA GLU B 263 5.67 -14.42 3.52
C GLU B 263 5.13 -14.43 4.93
N ARG B 264 3.86 -14.09 5.09
CA ARG B 264 3.30 -14.14 6.43
C ARG B 264 3.38 -15.61 6.87
N GLN B 265 3.21 -16.54 5.94
CA GLN B 265 3.28 -17.95 6.29
C GLN B 265 4.72 -18.34 6.57
N ILE B 266 5.66 -17.85 5.76
CA ILE B 266 7.06 -18.19 5.97
C ILE B 266 7.44 -17.89 7.41
N LYS B 267 7.25 -16.63 7.82
CA LYS B 267 7.57 -16.21 9.19
C LYS B 267 6.94 -17.16 10.21
N ASN B 268 5.70 -17.57 9.93
CA ASN B 268 4.92 -18.48 10.77
C ASN B 268 5.43 -19.90 10.69
N LEU B 269 6.74 -20.03 10.88
CA LEU B 269 7.49 -21.29 10.88
C LEU B 269 8.47 -21.13 12.02
N GLU B 270 9.64 -21.73 11.89
CA GLU B 270 10.65 -21.61 12.94
C GLU B 270 11.12 -20.15 13.00
N ASN C 15 13.17 -14.26 -24.95
CA ASN C 15 13.03 -13.68 -23.59
C ASN C 15 14.28 -12.85 -23.19
N LYS C 16 15.43 -13.24 -23.71
CA LYS C 16 16.69 -12.56 -23.40
C LYS C 16 17.79 -12.90 -24.42
N SER C 17 18.57 -11.89 -24.79
CA SER C 17 19.67 -12.06 -25.73
C SER C 17 20.57 -10.84 -25.67
N THR C 18 21.87 -11.06 -25.59
CA THR C 18 22.83 -9.95 -25.51
C THR C 18 23.18 -9.38 -26.89
N PHE C 19 23.63 -8.14 -26.89
CA PHE C 19 24.01 -7.47 -28.11
C PHE C 19 25.31 -6.71 -27.90
N SER C 20 26.35 -7.13 -28.63
CA SER C 20 27.65 -6.49 -28.54
C SER C 20 27.53 -5.03 -28.95
N LEU C 21 28.20 -4.16 -28.19
CA LEU C 21 28.16 -2.73 -28.45
C LEU C 21 29.52 -2.29 -28.97
N ASN C 22 30.49 -2.18 -28.07
CA ASN C 22 31.84 -1.77 -28.46
C ASN C 22 32.84 -2.86 -28.12
N ASP C 23 34.11 -2.49 -28.13
CA ASP C 23 35.16 -3.43 -27.84
C ASP C 23 34.92 -3.99 -26.43
N THR C 24 34.48 -3.12 -25.55
CA THR C 24 34.20 -3.50 -24.16
C THR C 24 32.92 -2.83 -23.64
N ALA C 25 31.79 -3.46 -23.89
CA ALA C 25 30.51 -2.91 -23.47
C ALA C 25 29.35 -3.82 -23.83
N TRP C 26 28.96 -4.69 -22.90
CA TRP C 26 27.84 -5.60 -23.10
C TRP C 26 26.54 -4.84 -22.90
N VAL C 27 25.47 -5.32 -23.52
CA VAL C 27 24.16 -4.70 -23.39
C VAL C 27 23.10 -5.79 -23.40
N ASP C 28 22.83 -6.33 -22.21
CA ASP C 28 21.83 -7.39 -22.06
C ASP C 28 20.44 -6.78 -22.32
N PHE C 29 19.68 -7.44 -23.18
CA PHE C 29 18.35 -6.97 -23.50
C PHE C 29 17.26 -7.97 -23.14
N TYR C 30 16.48 -7.66 -22.12
CA TYR C 30 15.42 -8.56 -21.71
C TYR C 30 14.09 -8.16 -22.37
N GLN C 31 13.45 -9.15 -22.98
CA GLN C 31 12.19 -8.91 -23.66
C GLN C 31 11.19 -10.01 -23.36
N LEU C 32 9.92 -9.65 -23.31
CA LEU C 32 8.87 -10.62 -23.05
C LEU C 32 7.80 -10.36 -24.10
N GLN C 33 6.65 -11.03 -23.98
CA GLN C 33 5.55 -10.81 -24.92
C GLN C 33 4.19 -11.14 -24.32
N ASN C 34 3.22 -10.23 -24.46
CA ASN C 34 1.85 -10.44 -23.95
C ASN C 34 1.32 -11.85 -24.27
N TYR C 41 1.04 -4.79 -28.63
CA TYR C 41 1.47 -3.88 -27.58
C TYR C 41 2.83 -3.29 -27.88
N THR C 42 3.24 -2.37 -27.02
CA THR C 42 4.51 -1.70 -27.14
C THR C 42 4.88 -1.29 -25.73
N PHE C 43 5.39 -2.25 -24.95
CA PHE C 43 5.79 -2.01 -23.55
C PHE C 43 6.89 -0.96 -23.41
N PRO C 44 6.72 -0.05 -22.45
CA PRO C 44 7.73 0.98 -22.26
C PRO C 44 8.97 0.31 -21.69
N ALA C 45 10.10 0.50 -22.35
CA ALA C 45 11.33 -0.11 -21.90
C ALA C 45 12.03 0.81 -20.95
N ILE C 46 13.11 0.32 -20.38
CA ILE C 46 13.89 1.09 -19.41
C ILE C 46 15.32 0.53 -19.37
N ILE C 47 16.29 1.43 -19.53
CA ILE C 47 17.69 1.04 -19.54
C ILE C 47 18.20 1.18 -18.14
N ILE C 48 19.00 0.21 -17.70
CA ILE C 48 19.57 0.25 -16.34
C ILE C 48 21.09 0.40 -16.33
N CYS C 49 21.60 1.10 -15.32
CA CYS C 49 23.03 1.33 -15.19
C CYS C 49 23.51 0.87 -13.85
N PRO C 50 23.83 -0.43 -13.76
CA PRO C 50 24.33 -1.01 -12.50
C PRO C 50 25.56 -0.30 -11.98
N GLY C 51 25.61 -0.09 -10.67
CA GLY C 51 26.74 0.58 -10.03
C GLY C 51 27.97 -0.30 -9.88
N GLY C 52 29.03 0.25 -9.29
CA GLY C 52 30.23 -0.53 -9.10
C GLY C 52 31.50 0.29 -9.21
N GLY C 53 31.36 1.57 -8.90
CA GLY C 53 32.49 2.51 -8.94
C GLY C 53 33.33 2.53 -10.22
N TYR C 54 32.70 2.29 -11.37
CA TYR C 54 33.38 2.27 -12.67
C TYR C 54 34.44 1.19 -12.72
N GLN C 55 34.64 0.50 -11.59
CA GLN C 55 35.60 -0.59 -11.48
C GLN C 55 34.98 -1.84 -12.12
N HIS C 56 33.84 -2.27 -11.59
CA HIS C 56 33.13 -3.44 -12.09
C HIS C 56 31.64 -3.17 -12.24
N ILE C 57 30.85 -4.23 -12.20
CA ILE C 57 29.41 -4.12 -12.33
C ILE C 57 28.74 -4.86 -11.18
N SER C 58 28.27 -4.10 -10.19
CA SER C 58 27.61 -4.67 -9.01
C SER C 58 26.53 -5.64 -9.48
N GLN C 59 26.85 -6.92 -9.40
CA GLN C 59 25.94 -7.95 -9.84
C GLN C 59 24.59 -7.80 -9.15
N ARG C 60 24.62 -7.50 -7.85
CA ARG C 60 23.37 -7.34 -7.09
C ARG C 60 22.58 -6.07 -7.46
N GLU C 61 22.92 -5.48 -8.60
CA GLU C 61 22.22 -4.31 -9.09
C GLU C 61 21.89 -4.53 -10.56
N SER C 62 22.04 -5.77 -11.03
CA SER C 62 21.76 -6.10 -12.43
C SER C 62 20.56 -7.04 -12.58
N ASP C 63 20.85 -8.24 -13.03
CA ASP C 63 19.83 -9.25 -13.24
C ASP C 63 18.65 -9.15 -12.27
N PRO C 64 18.95 -9.14 -10.95
CA PRO C 64 17.85 -9.05 -9.96
C PRO C 64 17.01 -7.81 -10.21
N LEU C 65 17.70 -6.68 -10.39
CA LEU C 65 17.05 -5.42 -10.63
C LEU C 65 16.20 -5.52 -11.87
N ALA C 66 16.76 -6.15 -12.91
CA ALA C 66 16.06 -6.33 -14.19
C ALA C 66 14.73 -6.99 -13.98
N LEU C 67 14.76 -8.18 -13.41
CA LEU C 67 13.53 -8.90 -13.17
C LEU C 67 12.53 -8.01 -12.48
N ALA C 68 12.95 -7.34 -11.42
CA ALA C 68 12.01 -6.46 -10.71
C ALA C 68 11.12 -5.69 -11.68
N PHE C 69 11.75 -4.94 -12.57
CA PHE C 69 11.04 -4.11 -13.54
C PHE C 69 10.36 -4.92 -14.62
N LEU C 70 11.07 -5.91 -15.09
CA LEU C 70 10.55 -6.76 -16.12
C LEU C 70 9.23 -7.31 -15.61
N ALA C 71 9.15 -7.52 -14.30
CA ALA C 71 7.92 -8.04 -13.72
C ALA C 71 6.88 -6.91 -13.58
N GLN C 72 7.37 -5.70 -13.32
CA GLN C 72 6.53 -4.52 -13.15
C GLN C 72 6.04 -4.06 -14.54
N GLY C 73 6.29 -4.88 -15.55
CA GLY C 73 5.83 -4.57 -16.90
C GLY C 73 6.69 -3.60 -17.71
N TYR C 74 7.99 -3.85 -17.76
CA TYR C 74 8.91 -2.99 -18.49
C TYR C 74 9.96 -3.79 -19.23
N GLN C 75 10.20 -3.42 -20.49
CA GLN C 75 11.24 -4.08 -21.28
C GLN C 75 12.52 -3.60 -20.64
N VAL C 76 13.44 -4.53 -20.37
CA VAL C 76 14.68 -4.19 -19.72
C VAL C 76 15.95 -4.28 -20.56
N LEU C 77 16.73 -3.20 -20.56
CA LEU C 77 17.99 -3.13 -21.29
C LEU C 77 19.08 -2.88 -20.28
N LEU C 78 19.70 -3.96 -19.82
CA LEU C 78 20.75 -3.88 -18.83
C LEU C 78 22.05 -3.57 -19.56
N LEU C 79 22.60 -2.39 -19.29
CA LEU C 79 23.83 -1.98 -19.95
C LEU C 79 25.08 -2.29 -19.16
N ASN C 80 25.96 -3.09 -19.76
CA ASN C 80 27.20 -3.47 -19.11
C ASN C 80 28.31 -2.58 -19.66
N TYR C 81 28.20 -1.30 -19.36
CA TYR C 81 29.15 -0.26 -19.78
C TYR C 81 30.59 -0.51 -19.34
N THR C 82 31.51 -0.22 -20.24
CA THR C 82 32.93 -0.39 -19.99
C THR C 82 33.36 0.13 -18.59
N VAL C 83 34.26 -0.63 -17.94
CA VAL C 83 34.78 -0.26 -16.61
C VAL C 83 36.22 -0.76 -16.45
N ASN C 85 37.51 -3.07 -15.41
CA ASN C 85 37.55 -4.52 -15.31
C ASN C 85 37.91 -5.18 -16.63
N LYS C 86 38.37 -4.38 -17.58
CA LYS C 86 38.77 -4.91 -18.89
C LYS C 86 40.00 -4.17 -19.45
N GLY C 87 41.00 -3.95 -18.60
CA GLY C 87 42.20 -3.26 -19.04
C GLY C 87 41.92 -1.79 -19.28
N THR C 88 42.00 -1.01 -18.21
CA THR C 88 41.73 0.41 -18.28
C THR C 88 42.92 1.24 -18.76
N ASN C 89 42.65 2.16 -19.67
CA ASN C 89 43.65 3.06 -20.24
C ASN C 89 43.28 4.50 -19.94
N TYR C 90 42.39 5.06 -20.76
CA TYR C 90 41.94 6.44 -20.63
C TYR C 90 40.59 6.58 -19.88
N ASN C 91 40.27 7.78 -19.44
CA ASN C 91 39.01 8.06 -18.74
C ASN C 91 37.84 7.86 -19.67
N PHE C 92 37.43 6.59 -19.82
CA PHE C 92 36.31 6.21 -20.69
C PHE C 92 34.99 6.80 -20.20
N LEU C 93 35.08 7.61 -19.15
CA LEU C 93 33.92 8.26 -18.59
C LEU C 93 33.15 8.94 -19.71
N SER C 94 33.83 9.19 -20.82
CA SER C 94 33.20 9.81 -21.97
C SER C 94 32.73 8.71 -22.88
N GLN C 95 33.54 7.67 -22.99
CA GLN C 95 33.20 6.53 -23.84
C GLN C 95 31.93 5.86 -23.35
N ASN C 96 31.62 6.04 -22.08
CA ASN C 96 30.42 5.43 -21.51
C ASN C 96 29.17 6.05 -22.12
N LEU C 97 29.04 7.37 -21.96
CA LEU C 97 27.91 8.10 -22.50
C LEU C 97 27.59 7.59 -23.89
N GLU C 98 28.63 7.23 -24.62
CA GLU C 98 28.49 6.73 -25.98
C GLU C 98 27.72 5.40 -25.91
N GLU C 99 28.27 4.48 -25.14
CA GLU C 99 27.70 3.15 -24.94
C GLU C 99 26.20 3.23 -24.65
N VAL C 100 25.84 3.96 -23.60
CA VAL C 100 24.42 4.11 -23.26
C VAL C 100 23.68 4.68 -24.47
N GLN C 101 24.24 5.72 -25.08
CA GLN C 101 23.65 6.33 -26.24
C GLN C 101 23.34 5.25 -27.27
N ALA C 102 24.33 4.39 -27.53
CA ALA C 102 24.18 3.32 -28.51
C ALA C 102 22.95 2.47 -28.23
N VAL C 103 22.59 2.40 -26.95
CA VAL C 103 21.44 1.63 -26.54
C VAL C 103 20.19 2.24 -27.13
N PHE C 104 20.02 3.53 -26.87
CA PHE C 104 18.85 4.23 -27.39
C PHE C 104 18.84 4.01 -28.89
N SER C 105 20.00 4.24 -29.51
CA SER C 105 20.16 4.07 -30.95
C SER C 105 19.61 2.72 -31.32
N LEU C 106 20.08 1.71 -30.61
CA LEU C 106 19.62 0.35 -30.87
C LEU C 106 18.09 0.32 -30.86
N ILE C 107 17.51 0.98 -29.86
CA ILE C 107 16.05 1.01 -29.77
C ILE C 107 15.44 1.80 -30.94
N HIS C 108 15.92 3.02 -31.13
CA HIS C 108 15.46 3.91 -32.20
C HIS C 108 15.33 3.18 -33.52
N GLN C 109 16.17 2.17 -33.73
CA GLN C 109 16.13 1.39 -34.97
C GLN C 109 15.43 0.02 -34.85
N ASN C 110 15.43 -0.53 -33.65
CA ASN C 110 14.80 -1.81 -33.47
C ASN C 110 13.61 -1.71 -32.54
N HIS C 111 13.01 -0.53 -32.50
CA HIS C 111 11.86 -0.30 -31.65
C HIS C 111 10.62 -1.09 -32.08
N LYS C 112 10.52 -1.42 -33.35
CA LYS C 112 9.37 -2.18 -33.83
C LYS C 112 9.50 -3.63 -33.42
N GLU C 113 10.68 -4.19 -33.64
CA GLU C 113 10.96 -5.59 -33.31
C GLU C 113 10.97 -5.80 -31.79
N TRP C 114 11.68 -4.93 -31.07
CA TRP C 114 11.78 -5.01 -29.62
C TRP C 114 10.39 -4.85 -28.94
N GLN C 115 9.38 -4.50 -29.72
CA GLN C 115 8.05 -4.34 -29.18
C GLN C 115 8.06 -3.21 -28.16
N ILE C 116 9.04 -2.32 -28.27
CA ILE C 116 9.21 -1.18 -27.35
C ILE C 116 8.61 0.13 -27.86
N ASN C 117 7.98 0.91 -26.99
CA ASN C 117 7.42 2.19 -27.41
C ASN C 117 8.53 3.26 -27.28
N PRO C 118 9.20 3.61 -28.40
CA PRO C 118 10.29 4.58 -28.39
C PRO C 118 10.00 5.84 -27.63
N GLU C 119 8.73 6.15 -27.45
CA GLU C 119 8.39 7.38 -26.73
C GLU C 119 8.25 7.10 -25.23
N GLN C 120 8.66 5.90 -24.83
CA GLN C 120 8.57 5.50 -23.44
C GLN C 120 9.82 4.73 -22.95
N VAL C 121 10.98 5.36 -23.16
CA VAL C 121 12.26 4.81 -22.73
C VAL C 121 12.82 5.65 -21.54
N PHE C 122 13.13 4.96 -20.46
CA PHE C 122 13.66 5.57 -19.27
C PHE C 122 15.02 5.03 -18.89
N LEU C 123 15.73 5.82 -18.10
CA LEU C 123 17.06 5.44 -17.67
C LEU C 123 17.14 5.21 -16.19
N LEU C 124 17.79 4.11 -15.81
CA LEU C 124 17.99 3.78 -14.39
C LEU C 124 19.47 3.60 -14.09
N GLY C 125 19.86 3.94 -12.86
CA GLY C 125 21.24 3.81 -12.42
C GLY C 125 21.29 3.90 -10.89
N CYS C 126 22.27 3.23 -10.28
CA CYS C 126 22.43 3.31 -8.82
C CYS C 126 23.91 3.46 -8.47
N SER C 127 24.16 4.09 -7.32
CA SER C 127 25.54 4.33 -6.91
C SER C 127 26.19 4.99 -8.10
N ALA C 128 27.43 4.61 -8.37
CA ALA C 128 28.14 5.16 -9.52
C ALA C 128 27.35 4.95 -10.82
N GLY C 129 26.77 3.77 -10.98
CA GLY C 129 25.99 3.50 -12.16
C GLY C 129 24.95 4.61 -12.36
N GLY C 130 24.64 5.30 -11.27
CA GLY C 130 23.68 6.38 -11.32
C GLY C 130 24.33 7.60 -11.96
N HIS C 131 25.54 7.91 -11.47
CA HIS C 131 26.30 9.05 -11.97
C HIS C 131 26.22 9.11 -13.49
N LEU C 132 26.51 8.00 -14.15
CA LEU C 132 26.45 7.93 -15.61
C LEU C 132 25.06 8.33 -16.09
N ALA C 133 24.05 7.82 -15.39
CA ALA C 133 22.65 8.08 -15.73
C ALA C 133 22.33 9.56 -15.76
N ALA C 134 22.61 10.25 -14.64
CA ALA C 134 22.35 11.69 -14.53
C ALA C 134 23.20 12.39 -15.58
N TRP C 135 24.42 11.90 -15.75
CA TRP C 135 25.36 12.45 -16.73
C TRP C 135 24.67 12.46 -18.10
N TYR C 136 24.25 11.28 -18.56
CA TYR C 136 23.59 11.15 -19.85
C TYR C 136 22.30 11.94 -19.85
N GLY C 137 21.87 12.36 -18.66
CA GLY C 137 20.63 13.12 -18.52
C GLY C 137 20.69 14.54 -19.05
N ASN C 138 21.37 14.70 -20.20
CA ASN C 138 21.55 15.98 -20.88
C ASN C 138 22.54 15.91 -22.05
N SER C 139 22.26 16.70 -23.09
CA SER C 139 23.07 16.77 -24.32
C SER C 139 22.93 15.54 -25.21
N GLU C 140 21.76 15.39 -25.81
CA GLU C 140 21.46 14.25 -26.68
C GLU C 140 20.32 14.62 -27.60
N GLN C 141 19.72 13.62 -28.23
CA GLN C 141 18.60 13.92 -29.11
C GLN C 141 17.42 12.95 -28.98
N ILE C 142 17.14 12.19 -30.04
CA ILE C 142 16.03 11.22 -30.02
C ILE C 142 16.56 9.99 -29.27
N HIS C 143 17.27 10.30 -28.19
CA HIS C 143 17.87 9.31 -27.31
C HIS C 143 17.74 9.85 -25.89
N ARG C 144 16.86 10.83 -25.74
CA ARG C 144 16.59 11.45 -24.44
C ARG C 144 15.55 10.64 -23.68
N PRO C 145 15.89 10.18 -22.47
CA PRO C 145 14.97 9.40 -21.64
C PRO C 145 13.86 10.27 -21.08
N LYS C 146 12.61 9.85 -21.28
CA LYS C 146 11.47 10.62 -20.75
C LYS C 146 11.55 10.78 -19.22
N GLY C 147 12.47 10.04 -18.60
CA GLY C 147 12.66 10.10 -17.16
C GLY C 147 13.78 9.19 -16.69
N VAL C 148 14.36 9.51 -15.53
CA VAL C 148 15.41 8.67 -14.99
C VAL C 148 15.23 8.49 -13.48
N ILE C 149 15.82 7.40 -12.99
CA ILE C 149 15.74 7.07 -11.59
C ILE C 149 17.16 6.89 -11.16
N LEU C 150 17.46 7.37 -9.97
CA LEU C 150 18.81 7.27 -9.44
C LEU C 150 18.81 6.77 -8.01
N CYS C 151 19.18 5.50 -7.85
CA CYS C 151 19.24 4.87 -6.53
C CYS C 151 20.60 5.22 -5.92
N TYR C 152 20.58 5.86 -4.74
CA TYR C 152 21.81 6.28 -4.06
C TYR C 152 22.88 6.53 -5.13
N PRO C 153 22.63 7.53 -6.01
CA PRO C 153 23.56 7.88 -7.10
C PRO C 153 24.81 8.67 -6.66
N VAL C 154 25.73 8.80 -7.61
CA VAL C 154 26.98 9.55 -7.40
C VAL C 154 26.82 10.84 -8.18
N THR C 155 26.73 11.94 -7.45
CA THR C 155 26.57 13.27 -8.04
C THR C 155 27.88 13.85 -8.61
N SER C 156 28.99 13.66 -7.91
CA SER C 156 30.28 14.15 -8.34
C SER C 156 31.38 13.48 -7.56
N PHE C 157 32.53 13.36 -8.21
CA PHE C 157 33.71 12.75 -7.61
C PHE C 157 34.25 13.70 -6.54
N THR C 158 33.43 14.66 -6.15
CA THR C 158 33.82 15.64 -5.16
C THR C 158 32.90 15.59 -3.94
N PHE C 159 31.97 14.63 -3.94
CA PHE C 159 31.00 14.46 -2.86
C PHE C 159 31.28 13.22 -2.06
N GLY C 160 32.28 13.27 -1.20
CA GLY C 160 32.59 12.13 -0.39
C GLY C 160 33.03 10.89 -1.17
N TRP C 161 32.87 10.91 -2.49
CA TRP C 161 33.26 9.77 -3.29
C TRP C 161 33.83 10.24 -4.62
N PRO C 162 34.89 9.57 -5.12
CA PRO C 162 35.59 8.39 -4.57
C PRO C 162 36.20 8.64 -3.19
N SER C 163 36.03 7.69 -2.28
CA SER C 163 36.57 7.79 -0.93
C SER C 163 38.05 8.16 -0.96
N ASP C 164 38.81 7.47 -1.81
CA ASP C 164 40.25 7.74 -1.94
C ASP C 164 40.53 8.78 -3.01
N LEU C 165 41.30 9.81 -2.64
CA LEU C 165 41.66 10.88 -3.56
C LEU C 165 42.32 10.27 -4.82
N SER C 166 43.15 9.25 -4.62
CA SER C 166 43.85 8.60 -5.74
C SER C 166 43.68 7.09 -5.81
N HIS C 167 42.74 6.64 -6.64
CA HIS C 167 42.47 5.22 -6.82
C HIS C 167 42.10 5.03 -8.27
N PHE C 168 40.79 5.08 -8.55
CA PHE C 168 40.29 4.92 -9.92
C PHE C 168 40.72 6.18 -10.66
N ASN C 169 41.56 6.97 -10.00
CA ASN C 169 42.09 8.21 -10.54
C ASN C 169 43.10 7.96 -11.66
N PHE C 170 42.65 8.17 -12.89
CA PHE C 170 43.48 7.99 -14.07
C PHE C 170 43.72 9.33 -14.77
N GLU C 171 44.07 10.34 -13.97
CA GLU C 171 44.38 11.68 -14.45
C GLU C 171 43.20 12.61 -14.70
N ILE C 172 43.27 13.35 -15.81
CA ILE C 172 42.25 14.32 -16.21
C ILE C 172 42.11 15.40 -15.13
N GLU C 173 42.84 16.51 -15.33
CA GLU C 173 42.83 17.63 -14.39
C GLU C 173 41.39 18.08 -14.13
N ASN C 174 40.71 18.48 -15.21
CA ASN C 174 39.32 18.92 -15.15
C ASN C 174 38.46 17.90 -14.41
N ILE C 175 38.30 18.12 -13.10
CA ILE C 175 37.52 17.22 -12.27
C ILE C 175 36.12 17.76 -12.04
N SER C 176 36.00 19.08 -12.05
CA SER C 176 34.71 19.73 -11.87
C SER C 176 33.79 19.37 -13.02
N GLU C 177 34.37 18.95 -14.14
CA GLU C 177 33.59 18.57 -15.32
C GLU C 177 32.79 17.29 -15.03
N TYR C 178 33.38 16.39 -14.24
CA TYR C 178 32.74 15.12 -13.88
C TYR C 178 31.79 15.21 -12.68
N ASN C 179 31.19 16.38 -12.53
CA ASN C 179 30.21 16.64 -11.48
C ASN C 179 28.87 16.87 -12.21
N ILE C 180 28.08 15.82 -12.33
CA ILE C 180 26.80 15.90 -13.02
C ILE C 180 25.74 16.72 -12.26
N SER C 181 26.14 17.37 -11.16
CA SER C 181 25.21 18.18 -10.37
C SER C 181 25.00 19.48 -11.11
N GLU C 182 26.11 20.15 -11.42
CA GLU C 182 26.03 21.40 -12.14
C GLU C 182 25.37 21.18 -13.50
N LYS C 183 25.68 20.04 -14.12
CA LYS C 183 25.15 19.70 -15.43
C LYS C 183 23.63 19.45 -15.47
N VAL C 184 22.92 20.09 -14.55
CA VAL C 184 21.47 19.95 -14.48
C VAL C 184 20.79 21.28 -14.82
N THR C 185 19.90 21.23 -15.80
CA THR C 185 19.18 22.42 -16.26
C THR C 185 17.69 22.14 -16.40
N SER C 186 16.96 23.15 -16.86
CA SER C 186 15.52 23.04 -17.06
C SER C 186 15.19 21.93 -18.04
N SER C 187 16.12 21.66 -18.93
CA SER C 187 15.92 20.60 -19.93
C SER C 187 16.04 19.19 -19.33
N THR C 188 16.69 19.09 -18.15
CA THR C 188 16.87 17.81 -17.42
C THR C 188 15.53 17.12 -17.20
N PRO C 189 15.43 15.84 -17.60
CA PRO C 189 14.19 15.06 -17.47
C PRO C 189 13.76 14.82 -16.04
N PRO C 190 12.48 14.50 -15.84
CA PRO C 190 11.99 14.24 -14.49
C PRO C 190 12.78 13.08 -13.90
N THR C 191 13.10 13.17 -12.61
CA THR C 191 13.85 12.10 -11.99
C THR C 191 13.29 11.66 -10.65
N PHE C 192 13.64 10.43 -10.29
CA PHE C 192 13.24 9.82 -9.05
C PHE C 192 14.55 9.47 -8.34
N ILE C 193 14.76 10.05 -7.16
CA ILE C 193 15.97 9.79 -6.42
C ILE C 193 15.70 9.44 -4.98
N TRP C 194 16.34 8.39 -4.51
CA TRP C 194 16.22 7.94 -3.12
C TRP C 194 17.59 7.63 -2.60
N HIS C 195 17.74 7.66 -1.29
CA HIS C 195 19.04 7.40 -0.74
C HIS C 195 18.92 7.12 0.74
N THR C 196 19.74 6.21 1.24
CA THR C 196 19.70 5.87 2.67
C THR C 196 20.50 6.91 3.42
N ALA C 197 19.86 7.56 4.41
CA ALA C 197 20.53 8.62 5.16
C ALA C 197 21.56 8.12 6.16
N ASP C 198 22.50 7.29 5.66
CA ASP C 198 23.56 6.73 6.49
C ASP C 198 24.50 5.94 5.60
N ASP C 199 24.25 5.99 4.29
CA ASP C 199 25.08 5.28 3.33
C ASP C 199 26.50 5.76 3.51
N GLU C 200 27.38 4.85 3.94
CA GLU C 200 28.77 5.20 4.20
C GLU C 200 29.65 5.23 2.96
N GLY C 201 29.24 4.52 1.91
CA GLY C 201 30.02 4.53 0.68
C GLY C 201 29.97 5.91 -0.01
N VAL C 202 28.79 6.53 0.04
CA VAL C 202 28.56 7.84 -0.54
C VAL C 202 27.47 8.56 0.25
N PRO C 203 27.80 9.71 0.86
CA PRO C 203 26.88 10.54 1.66
C PRO C 203 25.62 10.93 0.92
N ILE C 204 24.52 11.01 1.65
CA ILE C 204 23.25 11.37 1.02
C ILE C 204 23.39 12.72 0.35
N TYR C 205 24.35 13.51 0.82
CA TYR C 205 24.55 14.84 0.23
C TYR C 205 24.39 14.69 -1.30
N ASN C 206 25.04 13.69 -1.89
CA ASN C 206 24.93 13.47 -3.34
C ASN C 206 23.53 13.72 -3.84
N SER C 207 22.59 12.89 -3.39
CA SER C 207 21.21 13.03 -3.83
C SER C 207 20.60 14.31 -3.29
N LEU C 208 20.91 14.62 -2.04
CA LEU C 208 20.40 15.81 -1.41
C LEU C 208 20.68 17.05 -2.25
N LYS C 209 21.96 17.46 -2.29
CA LYS C 209 22.34 18.64 -3.05
C LYS C 209 21.76 18.53 -4.46
N TYR C 210 21.79 17.33 -5.03
CA TYR C 210 21.27 17.15 -6.37
C TYR C 210 19.83 17.66 -6.44
N CYS C 211 19.01 17.26 -5.48
CA CYS C 211 17.60 17.66 -5.44
C CYS C 211 17.48 19.17 -5.46
N ASP C 212 18.21 19.81 -4.55
CA ASP C 212 18.22 21.27 -4.44
C ASP C 212 18.54 21.79 -5.85
N ARG C 213 19.69 21.40 -6.36
CA ARG C 213 20.14 21.82 -7.69
C ARG C 213 19.33 21.10 -8.76
N LEU C 214 18.08 20.77 -8.43
CA LEU C 214 17.21 20.10 -9.38
C LEU C 214 15.86 20.77 -9.31
N SER C 215 15.55 21.29 -8.12
CA SER C 215 14.28 21.96 -7.90
C SER C 215 14.36 23.40 -8.39
N LYS C 216 15.49 24.03 -8.10
CA LYS C 216 15.73 25.41 -8.50
C LYS C 216 15.56 25.58 -10.01
N HIS C 217 15.65 24.47 -10.74
CA HIS C 217 15.49 24.55 -12.17
C HIS C 217 14.10 24.07 -12.54
N GLN C 218 13.18 24.17 -11.58
CA GLN C 218 11.80 23.76 -11.80
C GLN C 218 11.68 22.42 -12.55
N VAL C 219 12.49 21.43 -12.14
CA VAL C 219 12.49 20.10 -12.74
C VAL C 219 11.60 19.22 -11.88
N PRO C 220 10.50 18.70 -12.46
CA PRO C 220 9.57 17.83 -11.72
C PRO C 220 10.30 16.55 -11.31
N PHE C 221 10.28 16.25 -10.00
CA PHE C 221 10.95 15.06 -9.47
C PHE C 221 10.33 14.63 -8.15
N GLU C 222 10.75 13.45 -7.71
CA GLU C 222 10.27 12.90 -6.46
C GLU C 222 11.48 12.36 -5.74
N ALA C 223 11.52 12.53 -4.42
CA ALA C 223 12.64 12.05 -3.66
C ALA C 223 12.22 11.30 -2.42
N HIS C 224 13.09 10.39 -2.00
CA HIS C 224 12.81 9.60 -0.81
C HIS C 224 14.12 9.33 -0.12
N PHE C 225 14.11 9.47 1.19
CA PHE C 225 15.31 9.25 1.96
C PHE C 225 15.05 8.44 3.21
N PHE C 226 15.53 7.21 3.19
CA PHE C 226 15.38 6.27 4.29
C PHE C 226 16.36 6.49 5.43
N GLU C 227 15.91 6.20 6.65
CA GLU C 227 16.71 6.36 7.86
C GLU C 227 18.09 5.70 7.78
N SER C 228 18.11 4.38 7.70
CA SER C 228 19.37 3.66 7.62
C SER C 228 19.41 2.65 6.47
N GLY C 229 20.61 2.15 6.20
CA GLY C 229 20.84 1.18 5.13
C GLY C 229 22.20 1.36 4.43
N PRO C 230 23.01 0.28 4.30
CA PRO C 230 24.33 0.29 3.66
C PRO C 230 24.29 0.60 2.15
N HIS C 231 25.42 1.00 1.57
CA HIS C 231 25.47 1.31 0.14
C HIS C 231 25.31 0.06 -0.73
N GLY C 232 24.62 0.22 -1.86
CA GLY C 232 24.38 -0.89 -2.77
C GLY C 232 23.18 -1.75 -2.37
N VAL C 233 22.39 -1.23 -1.42
CA VAL C 233 21.19 -1.93 -0.93
C VAL C 233 20.29 -2.53 -2.03
N SER C 234 20.30 -1.89 -3.20
CA SER C 234 19.53 -2.34 -4.34
C SER C 234 18.04 -2.45 -4.04
N LEU C 235 17.49 -3.66 -4.15
CA LEU C 235 16.08 -3.93 -3.91
C LEU C 235 15.78 -4.15 -2.43
N ALA C 236 16.83 -4.35 -1.63
CA ALA C 236 16.64 -4.58 -0.21
C ALA C 236 15.84 -5.86 0.05
N ASN C 237 15.71 -6.67 -0.99
CA ASN C 237 14.96 -7.92 -0.94
C ASN C 237 15.93 -9.10 -0.82
N ARG C 238 15.41 -10.24 -0.38
CA ARG C 238 16.28 -11.38 -0.25
C ARG C 238 16.83 -11.77 -1.63
N THR C 239 16.50 -10.97 -2.66
CA THR C 239 16.98 -11.21 -4.02
C THR C 239 18.30 -10.47 -4.20
N THR C 240 18.39 -9.32 -3.55
CA THR C 240 19.57 -8.47 -3.64
C THR C 240 20.11 -8.10 -2.26
N ALA C 241 20.90 -8.98 -1.68
CA ALA C 241 21.45 -8.73 -0.36
C ALA C 241 22.32 -9.88 0.11
N PRO C 242 23.60 -9.59 0.35
CA PRO C 242 24.59 -10.58 0.81
C PRO C 242 24.24 -11.10 2.23
N SER C 243 24.17 -10.19 3.20
CA SER C 243 23.86 -10.56 4.58
C SER C 243 22.45 -10.11 4.95
N ASP C 244 22.13 -10.16 6.25
CA ASP C 244 20.80 -9.76 6.73
C ASP C 244 20.60 -8.25 6.71
N ALA C 245 21.66 -7.53 7.06
CA ALA C 245 21.62 -6.07 7.10
C ALA C 245 21.31 -5.46 5.73
N TYR C 246 21.60 -6.22 4.68
CA TYR C 246 21.34 -5.77 3.31
C TYR C 246 19.93 -6.15 2.84
N CYS C 247 19.12 -6.64 3.78
CA CYS C 247 17.75 -7.02 3.49
C CYS C 247 16.88 -6.14 4.36
N LEU C 248 16.42 -5.04 3.78
CA LEU C 248 15.58 -4.09 4.50
C LEU C 248 14.20 -3.94 3.83
N PRO C 249 13.14 -4.36 4.53
CA PRO C 249 11.78 -4.27 4.00
C PRO C 249 11.33 -2.82 3.81
N SER C 250 11.58 -1.97 4.80
CA SER C 250 11.17 -0.57 4.70
C SER C 250 11.79 0.11 3.48
N VAL C 251 13.07 -0.15 3.23
CA VAL C 251 13.80 0.42 2.10
C VAL C 251 13.31 -0.16 0.77
N HIS C 252 12.98 -1.45 0.79
CA HIS C 252 12.50 -2.13 -0.40
C HIS C 252 11.30 -1.39 -1.00
N ARG C 253 10.64 -0.58 -0.17
CA ARG C 253 9.49 0.19 -0.64
C ARG C 253 9.76 1.09 -1.84
N TRP C 254 11.01 1.49 -2.04
CA TRP C 254 11.34 2.35 -3.17
C TRP C 254 10.96 1.75 -4.51
N VAL C 255 11.28 0.47 -4.71
CA VAL C 255 10.98 -0.18 -5.99
C VAL C 255 9.49 -0.09 -6.25
N SER C 256 8.73 0.11 -5.19
CA SER C 256 7.28 0.21 -5.36
C SER C 256 6.96 1.67 -5.68
N TRP C 257 7.53 2.60 -4.90
CA TRP C 257 7.34 4.02 -5.13
C TRP C 257 7.73 4.25 -6.59
N ALA C 258 8.93 3.82 -6.95
CA ALA C 258 9.41 4.01 -8.31
C ALA C 258 8.36 3.52 -9.29
N SER C 259 7.80 2.32 -9.09
CA SER C 259 6.81 1.83 -10.06
C SER C 259 5.69 2.83 -10.30
N ASP C 260 5.10 3.33 -9.23
CA ASP C 260 4.01 4.30 -9.35
C ASP C 260 4.51 5.54 -10.05
N TRP C 261 5.67 6.05 -9.63
CA TRP C 261 6.20 7.25 -10.24
C TRP C 261 6.26 7.08 -11.76
N LEU C 262 7.02 6.08 -12.20
CA LEU C 262 7.16 5.82 -13.62
C LEU C 262 5.83 5.85 -14.33
N GLU C 263 4.97 4.92 -13.98
CA GLU C 263 3.68 4.87 -14.61
C GLU C 263 2.94 6.20 -14.49
N ARG C 264 3.14 6.92 -13.40
CA ARG C 264 2.49 8.21 -13.29
C ARG C 264 3.02 9.06 -14.46
N GLN C 265 4.28 8.88 -14.82
CA GLN C 265 4.84 9.65 -15.92
C GLN C 265 4.29 9.15 -17.24
N ILE C 266 4.16 7.83 -17.39
CA ILE C 266 3.62 7.29 -18.64
C ILE C 266 2.30 7.93 -18.96
N LYS C 267 1.36 7.85 -18.00
CA LYS C 267 0.03 8.43 -18.20
C LYS C 267 0.14 9.89 -18.63
N ASN C 268 1.12 10.59 -18.06
CA ASN C 268 1.38 12.00 -18.36
C ASN C 268 2.19 12.13 -19.66
N LEU C 269 1.97 11.20 -20.59
CA LEU C 269 2.69 11.20 -21.87
C LEU C 269 1.70 11.14 -23.04
N GLU C 270 0.41 11.30 -22.74
CA GLU C 270 -0.65 11.28 -23.75
C GLU C 270 -1.28 12.67 -23.97
N ASN D 15 -14.41 13.36 24.95
CA ASN D 15 -13.80 13.21 23.59
C ASN D 15 -12.95 14.41 23.23
N LYS D 16 -13.29 15.58 23.78
CA LYS D 16 -12.56 16.83 23.52
C LYS D 16 -12.87 17.92 24.55
N SER D 17 -11.84 18.65 24.95
CA SER D 17 -12.00 19.74 25.92
C SER D 17 -10.72 20.61 25.91
N THR D 18 -10.91 21.92 25.82
CA THR D 18 -9.76 22.82 25.77
C THR D 18 -9.21 23.13 27.16
N PHE D 19 -7.94 23.52 27.22
CA PHE D 19 -7.28 23.86 28.48
C PHE D 19 -6.47 25.14 28.33
N SER D 20 -6.88 26.17 29.05
CA SER D 20 -6.21 27.45 28.99
C SER D 20 -4.76 27.25 29.40
N LEU D 21 -3.86 27.93 28.69
CA LEU D 21 -2.43 27.84 28.97
C LEU D 21 -1.94 29.17 29.54
N ASN D 22 -1.78 30.16 28.65
CA ASN D 22 -1.34 31.47 29.09
C ASN D 22 -2.37 32.51 28.77
N ASP D 23 -1.96 33.76 28.79
CA ASP D 23 -2.87 34.87 28.50
C ASP D 23 -3.41 34.67 27.08
N THR D 24 -2.53 34.21 26.20
CA THR D 24 -2.90 33.99 24.81
C THR D 24 -2.27 32.70 24.27
N ALA D 25 -2.93 31.57 24.53
CA ALA D 25 -2.41 30.29 24.09
C ALA D 25 -3.37 29.15 24.41
N TRP D 26 -4.22 28.81 23.43
CA TRP D 26 -5.18 27.72 23.58
C TRP D 26 -4.47 26.40 23.36
N VAL D 27 -4.99 25.35 23.96
CA VAL D 27 -4.42 24.01 23.81
C VAL D 27 -5.54 22.97 23.76
N ASP D 28 -6.06 22.74 22.56
CA ASP D 28 -7.15 21.81 22.38
C ASP D 28 -6.61 20.40 22.63
N PHE D 29 -7.32 19.63 23.44
CA PHE D 29 -6.90 18.26 23.75
C PHE D 29 -7.94 17.23 23.36
N TYR D 30 -7.61 16.46 22.33
CA TYR D 30 -8.54 15.43 21.88
C TYR D 30 -8.21 14.09 22.51
N GLN D 31 -9.23 13.46 23.08
CA GLN D 31 -9.06 12.18 23.74
C GLN D 31 -10.17 11.24 23.37
N LEU D 32 -9.85 9.96 23.30
CA LEU D 32 -10.87 8.96 23.01
C LEU D 32 -10.66 7.86 24.05
N GLN D 33 -11.33 6.71 23.90
CA GLN D 33 -11.17 5.59 24.83
C GLN D 33 -11.55 4.26 24.20
N ASN D 34 -10.70 3.25 24.36
CA ASN D 34 -10.96 1.92 23.79
C ASN D 34 -12.38 1.46 24.08
N TYR D 41 -5.44 0.80 28.56
CA TYR D 41 -4.49 1.22 27.54
C TYR D 41 -3.86 2.55 27.87
N THR D 42 -2.92 2.95 27.04
CA THR D 42 -2.21 4.20 27.21
C THR D 42 -1.76 4.60 25.80
N PHE D 43 -2.68 5.14 25.02
CA PHE D 43 -2.40 5.55 23.66
C PHE D 43 -1.31 6.59 23.56
N PRO D 44 -0.39 6.41 22.62
CA PRO D 44 0.68 7.40 22.47
C PRO D 44 0.07 8.70 21.93
N ALA D 45 0.31 9.80 22.62
CA ALA D 45 -0.21 11.07 22.19
C ALA D 45 0.75 11.75 21.25
N ILE D 46 0.28 12.84 20.64
CA ILE D 46 1.10 13.60 19.72
C ILE D 46 0.58 15.05 19.72
N ILE D 47 1.48 16.01 19.96
CA ILE D 47 1.14 17.42 19.96
C ILE D 47 1.32 17.94 18.56
N ILE D 48 0.39 18.80 18.12
CA ILE D 48 0.48 19.38 16.78
C ILE D 48 0.72 20.90 16.82
N CYS D 49 1.46 21.41 15.84
CA CYS D 49 1.72 22.83 15.75
C CYS D 49 1.31 23.36 14.40
N PRO D 50 0.03 23.74 14.28
CA PRO D 50 -0.50 24.27 13.02
C PRO D 50 0.27 25.50 12.53
N GLY D 51 0.50 25.55 11.22
CA GLY D 51 1.23 26.68 10.64
C GLY D 51 0.40 27.95 10.49
N GLY D 52 0.98 28.99 9.90
CA GLY D 52 0.24 30.22 9.74
C GLY D 52 1.11 31.44 9.90
N GLY D 53 2.39 31.28 9.60
CA GLY D 53 3.35 32.36 9.70
C GLY D 53 3.37 33.16 10.98
N TYR D 54 3.11 32.51 12.11
CA TYR D 54 3.10 33.18 13.41
C TYR D 54 2.04 34.26 13.47
N GLN D 55 1.40 34.52 12.33
CA GLN D 55 0.34 35.51 12.21
C GLN D 55 -0.95 34.93 12.82
N HIS D 56 -1.41 33.82 12.26
CA HIS D 56 -2.61 33.16 12.73
C HIS D 56 -2.40 31.65 12.86
N ILE D 57 -3.48 30.89 12.77
CA ILE D 57 -3.42 29.44 12.87
C ILE D 57 -4.16 28.82 11.69
N SER D 58 -3.40 28.34 10.72
CA SER D 58 -3.98 27.73 9.53
C SER D 58 -4.98 26.69 9.96
N GLN D 59 -6.25 27.04 9.86
CA GLN D 59 -7.32 26.15 10.25
C GLN D 59 -7.20 24.81 9.52
N ARG D 60 -6.89 24.86 8.23
CA ARG D 60 -6.76 23.64 7.45
C ARG D 60 -5.54 22.79 7.84
N GLU D 61 -4.96 23.10 8.99
CA GLU D 61 -3.81 22.35 9.49
C GLU D 61 -4.07 21.99 10.95
N SER D 62 -5.31 22.18 11.40
CA SER D 62 -5.68 21.89 12.78
C SER D 62 -6.68 20.73 12.87
N ASP D 63 -7.88 21.05 13.30
CA ASP D 63 -8.93 20.06 13.46
C ASP D 63 -8.85 18.90 12.46
N PRO D 64 -8.79 19.21 11.14
CA PRO D 64 -8.71 18.15 10.14
C PRO D 64 -7.51 17.25 10.39
N LEU D 65 -6.36 17.89 10.59
CA LEU D 65 -5.12 17.18 10.86
C LEU D 65 -5.28 16.30 12.10
N ALA D 66 -5.90 16.87 13.15
CA ALA D 66 -6.14 16.17 14.39
C ALA D 66 -6.85 14.84 14.18
N LEU D 67 -8.00 14.92 13.52
CA LEU D 67 -8.78 13.73 13.23
C LEU D 67 -7.92 12.70 12.56
N ALA D 68 -7.21 13.12 11.53
CA ALA D 68 -6.36 12.18 10.82
C ALA D 68 -5.65 11.26 11.78
N PHE D 69 -4.84 11.82 12.68
CA PHE D 69 -4.09 11.05 13.66
C PHE D 69 -4.95 10.38 14.73
N LEU D 70 -5.92 11.13 15.22
CA LEU D 70 -6.79 10.62 16.22
C LEU D 70 -7.38 9.35 15.66
N ALA D 71 -7.55 9.30 14.34
CA ALA D 71 -8.12 8.09 13.72
C ALA D 71 -7.04 7.01 13.54
N GLN D 72 -5.79 7.47 13.41
CA GLN D 72 -4.64 6.59 13.23
C GLN D 72 -4.22 6.05 14.61
N GLY D 73 -5.06 6.30 15.61
CA GLY D 73 -4.79 5.82 16.95
C GLY D 73 -3.80 6.64 17.77
N TYR D 74 -4.04 7.94 17.88
CA TYR D 74 -3.15 8.81 18.63
C TYR D 74 -3.91 9.86 19.37
N GLN D 75 -3.58 10.08 20.64
CA GLN D 75 -4.22 11.11 21.43
C GLN D 75 -3.68 12.39 20.82
N VAL D 76 -4.56 13.35 20.60
CA VAL D 76 -4.16 14.60 19.96
C VAL D 76 -4.24 15.84 20.81
N LEU D 77 -3.13 16.59 20.84
CA LEU D 77 -3.02 17.83 21.60
C LEU D 77 -2.73 18.92 20.61
N LEU D 78 -3.78 19.57 20.14
CA LEU D 78 -3.64 20.65 19.17
C LEU D 78 -3.31 21.91 19.95
N LEU D 79 -2.12 22.45 19.71
CA LEU D 79 -1.67 23.65 20.40
C LEU D 79 -1.91 24.92 19.62
N ASN D 80 -2.69 25.82 20.22
CA ASN D 80 -3.00 27.11 19.60
C ASN D 80 -2.09 28.17 20.18
N TYR D 81 -0.81 28.01 19.89
CA TYR D 81 0.24 28.89 20.37
C TYR D 81 0.06 30.35 19.96
N THR D 82 0.38 31.25 20.89
CA THR D 82 0.29 32.69 20.68
C THR D 82 0.86 33.14 19.31
N VAL D 83 0.15 34.06 18.65
CA VAL D 83 0.54 34.60 17.34
C VAL D 83 0.10 36.08 17.19
N ASN D 85 -2.15 37.47 16.13
CA ASN D 85 -3.61 37.54 16.01
C ASN D 85 -4.27 37.90 17.33
N LYS D 86 -3.48 38.33 18.31
CA LYS D 86 -4.04 38.71 19.60
C LYS D 86 -3.27 39.90 20.20
N GLY D 87 -2.99 40.91 19.38
CA GLY D 87 -2.26 42.07 19.85
C GLY D 87 -0.80 41.73 20.12
N THR D 88 0.00 41.79 19.07
CA THR D 88 1.41 41.48 19.17
C THR D 88 2.27 42.63 19.69
N ASN D 89 3.16 42.30 20.62
CA ASN D 89 4.08 43.26 21.21
C ASN D 89 5.51 42.84 20.94
N TYR D 90 6.02 41.91 21.76
CA TYR D 90 7.39 41.43 21.63
C TYR D 90 7.48 40.11 20.85
N ASN D 91 8.70 39.75 20.43
CA ASN D 91 8.93 38.49 19.72
C ASN D 91 8.67 37.31 20.63
N PHE D 92 7.40 36.94 20.72
CA PHE D 92 6.95 35.82 21.56
C PHE D 92 7.51 34.50 21.08
N LEU D 93 8.34 34.58 20.04
CA LEU D 93 8.97 33.40 19.47
C LEU D 93 9.60 32.58 20.61
N SER D 94 9.86 33.24 21.73
CA SER D 94 10.43 32.56 22.88
C SER D 94 9.29 32.11 23.77
N GLN D 95 8.28 32.95 23.86
CA GLN D 95 7.11 32.64 24.68
C GLN D 95 6.41 31.39 24.14
N ASN D 96 6.59 31.11 22.85
CA ASN D 96 5.95 29.94 22.27
C ASN D 96 6.52 28.66 22.86
N LEU D 97 7.83 28.49 22.72
CA LEU D 97 8.51 27.30 23.25
C LEU D 97 7.97 26.98 24.64
N GLU D 98 7.62 28.03 25.38
CA GLU D 98 7.10 27.87 26.72
C GLU D 98 5.75 27.16 26.60
N GLU D 99 4.86 27.78 25.83
CA GLU D 99 3.52 27.25 25.60
C GLU D 99 3.56 25.75 25.28
N VAL D 100 4.31 25.38 24.23
CA VAL D 100 4.42 23.97 23.86
C VAL D 100 4.94 23.17 25.08
N GLN D 101 5.96 23.69 25.73
CA GLN D 101 6.53 23.04 26.88
C GLN D 101 5.43 22.77 27.87
N ALA D 102 4.60 23.77 28.11
CA ALA D 102 3.48 23.65 29.07
C ALA D 102 2.59 22.46 28.77
N VAL D 103 2.54 22.11 27.48
CA VAL D 103 1.74 20.99 27.01
C VAL D 103 2.30 19.70 27.59
N PHE D 104 3.59 19.50 27.37
CA PHE D 104 4.25 18.31 27.88
C PHE D 104 4.00 18.28 29.37
N SER D 105 4.26 19.41 30.02
CA SER D 105 4.04 19.56 31.46
C SER D 105 2.65 19.03 31.79
N LEU D 106 1.66 19.56 31.10
CA LEU D 106 0.29 19.13 31.31
C LEU D 106 0.23 17.60 31.26
N ILE D 107 0.87 17.01 30.25
CA ILE D 107 0.87 15.56 30.12
C ILE D 107 1.59 14.92 31.32
N HIS D 108 2.84 15.34 31.53
CA HIS D 108 3.67 14.82 32.60
C HIS D 108 2.91 14.69 33.92
N GLN D 109 1.93 15.56 34.13
CA GLN D 109 1.15 15.53 35.36
C GLN D 109 -0.24 14.89 35.19
N ASN D 110 -0.77 14.93 33.97
CA ASN D 110 -2.09 14.34 33.76
C ASN D 110 -2.01 13.16 32.82
N HIS D 111 -0.85 12.52 32.75
CA HIS D 111 -0.65 11.38 31.86
C HIS D 111 -1.47 10.15 32.25
N LYS D 112 -1.85 10.05 33.52
CA LYS D 112 -2.66 8.92 33.97
C LYS D 112 -4.10 9.11 33.53
N GLU D 113 -4.61 10.31 33.77
CA GLU D 113 -5.98 10.64 33.42
C GLU D 113 -6.15 10.70 31.89
N TRP D 114 -5.24 11.39 31.22
CA TRP D 114 -5.27 11.53 29.77
C TRP D 114 -5.14 10.18 29.08
N GLN D 115 -4.87 9.13 29.86
CA GLN D 115 -4.74 7.79 29.29
C GLN D 115 -3.58 7.76 28.29
N ILE D 116 -2.67 8.72 28.44
CA ILE D 116 -1.52 8.85 27.54
C ILE D 116 -0.26 8.19 28.06
N ASN D 117 0.52 7.58 27.18
CA ASN D 117 1.78 6.97 27.61
C ASN D 117 2.89 8.05 27.54
N PRO D 118 3.21 8.66 28.68
CA PRO D 118 4.23 9.70 28.70
C PRO D 118 5.51 9.39 27.97
N GLU D 119 5.78 8.11 27.76
CA GLU D 119 7.00 7.76 27.07
C GLU D 119 6.79 7.65 25.55
N GLN D 120 5.61 8.11 25.13
CA GLN D 120 5.25 8.06 23.71
C GLN D 120 4.53 9.34 23.25
N VAL D 121 5.18 10.47 23.49
CA VAL D 121 4.67 11.78 23.09
C VAL D 121 5.52 12.33 21.95
N PHE D 122 4.86 12.68 20.85
CA PHE D 122 5.55 13.22 19.69
C PHE D 122 5.07 14.64 19.34
N LEU D 123 5.88 15.33 18.55
CA LEU D 123 5.57 16.68 18.16
C LEU D 123 5.40 16.80 16.66
N LEU D 124 4.32 17.50 16.27
CA LEU D 124 4.04 17.72 14.85
C LEU D 124 3.92 19.21 14.59
N GLY D 125 4.25 19.58 13.35
CA GLY D 125 4.19 20.97 12.92
C GLY D 125 4.32 21.05 11.40
N CYS D 126 3.73 22.07 10.79
CA CYS D 126 3.84 22.26 9.35
C CYS D 126 4.05 23.73 9.02
N SER D 127 4.72 24.01 7.90
CA SER D 127 5.00 25.40 7.55
C SER D 127 5.64 26.01 8.77
N ALA D 128 5.32 27.25 9.06
CA ALA D 128 5.87 27.92 10.23
C ALA D 128 5.61 27.08 11.48
N GLY D 129 4.39 26.56 11.63
CA GLY D 129 4.09 25.75 12.79
C GLY D 129 5.16 24.70 12.98
N GLY D 130 5.85 24.37 11.88
CA GLY D 130 6.89 23.38 11.94
C GLY D 130 8.11 23.97 12.59
N HIS D 131 8.45 25.16 12.16
CA HIS D 131 9.62 25.87 12.70
C HIS D 131 9.64 25.75 14.22
N LEU D 132 8.52 26.09 14.87
CA LEU D 132 8.44 26.02 16.32
C LEU D 132 8.77 24.62 16.79
N ALA D 133 8.26 23.62 16.06
CA ALA D 133 8.46 22.21 16.37
C ALA D 133 9.93 21.82 16.43
N ALA D 134 10.64 22.08 15.33
CA ALA D 134 12.06 21.78 15.24
C ALA D 134 12.78 22.58 16.33
N TRP D 135 12.33 23.82 16.51
CA TRP D 135 12.88 24.73 17.53
C TRP D 135 12.83 24.01 18.88
N TYR D 136 11.63 23.64 19.32
CA TYR D 136 11.47 22.95 20.59
C TYR D 136 12.23 21.63 20.57
N GLY D 137 12.64 21.20 19.38
CA GLY D 137 13.36 19.95 19.23
C GLY D 137 14.76 19.94 19.80
N ASN D 138 14.92 20.61 20.94
CA ASN D 138 16.20 20.72 21.66
C ASN D 138 16.15 21.68 22.85
N SER D 139 16.89 21.34 23.91
CA SER D 139 16.98 22.11 25.15
C SER D 139 15.72 22.00 26.02
N GLU D 140 15.52 20.82 26.61
CA GLU D 140 14.36 20.57 27.44
C GLU D 140 14.67 19.41 28.35
N GLN D 141 13.63 18.85 28.95
CA GLN D 141 13.86 17.70 29.81
C GLN D 141 12.85 16.56 29.63
N ILE D 142 12.06 16.28 30.67
CA ILE D 142 11.06 15.20 30.60
C ILE D 142 9.88 15.78 29.84
N HIS D 143 10.23 16.49 28.77
CA HIS D 143 9.30 17.15 27.88
C HIS D 143 9.86 17.01 26.45
N ARG D 144 10.81 16.11 26.30
CA ARG D 144 11.44 15.85 25.03
C ARG D 144 10.60 14.86 24.23
N PRO D 145 10.19 15.24 23.00
CA PRO D 145 9.39 14.36 22.14
C PRO D 145 10.22 13.22 21.57
N LYS D 146 9.76 11.99 21.74
CA LYS D 146 10.50 10.84 21.21
C LYS D 146 10.69 10.96 19.71
N GLY D 147 10.01 11.92 19.11
CA GLY D 147 10.12 12.14 17.66
C GLY D 147 9.25 13.29 17.18
N VAL D 148 9.61 13.86 16.04
CA VAL D 148 8.83 14.95 15.50
C VAL D 148 8.65 14.82 13.99
N ILE D 149 7.59 15.42 13.51
CA ILE D 149 7.27 15.41 12.10
C ILE D 149 7.13 16.86 11.69
N LEU D 150 7.67 17.17 10.51
CA LEU D 150 7.64 18.53 10.01
C LEU D 150 7.17 18.58 8.57
N CYS D 151 5.92 19.00 8.39
CA CYS D 151 5.31 19.11 7.07
C CYS D 151 5.70 20.46 6.48
N TYR D 152 6.36 20.43 5.32
CA TYR D 152 6.84 21.66 4.68
C TYR D 152 7.11 22.70 5.80
N PRO D 153 8.10 22.41 6.66
CA PRO D 153 8.47 23.30 7.77
C PRO D 153 9.30 24.52 7.38
N VAL D 154 9.47 25.40 8.35
CA VAL D 154 10.25 26.61 8.16
C VAL D 154 11.51 26.40 8.95
N THR D 155 12.63 26.31 8.25
CA THR D 155 13.91 26.08 8.90
C THR D 155 14.54 27.34 9.48
N SER D 156 14.39 28.45 8.79
CA SER D 156 14.93 29.73 9.26
C SER D 156 14.31 30.88 8.50
N PHE D 157 14.24 32.02 9.16
CA PHE D 157 13.68 33.22 8.58
C PHE D 157 14.68 33.76 7.55
N THR D 158 15.61 32.90 7.15
CA THR D 158 16.63 33.28 6.19
C THR D 158 16.58 32.37 4.96
N PHE D 159 15.59 31.49 4.92
CA PHE D 159 15.41 30.56 3.82
C PHE D 159 14.18 30.89 2.99
N GLY D 160 14.29 31.89 2.13
CA GLY D 160 13.16 32.27 1.31
C GLY D 160 11.93 32.73 2.09
N TRP D 161 11.91 32.54 3.40
CA TRP D 161 10.76 32.95 4.21
C TRP D 161 11.24 33.50 5.56
N PRO D 162 10.58 34.57 6.06
CA PRO D 162 9.44 35.32 5.51
C PRO D 162 9.73 35.97 4.15
N SER D 163 8.78 35.85 3.23
CA SER D 163 8.93 36.41 1.90
C SER D 163 9.37 37.88 1.95
N ASP D 164 8.70 38.65 2.81
CA ASP D 164 9.02 40.07 2.96
C ASP D 164 10.06 40.29 4.05
N LEU D 165 11.12 41.01 3.71
CA LEU D 165 12.17 41.32 4.65
C LEU D 165 11.56 41.96 5.90
N SER D 166 10.57 42.85 5.71
CA SER D 166 9.92 43.54 6.82
C SER D 166 8.41 43.42 6.86
N HIS D 167 7.91 42.48 7.65
CA HIS D 167 6.48 42.27 7.82
C HIS D 167 6.24 41.89 9.28
N PHE D 168 6.23 40.58 9.53
CA PHE D 168 6.03 40.06 10.88
C PHE D 168 7.29 40.42 11.66
N ASN D 169 8.13 41.25 11.04
CA ASN D 169 9.38 41.72 11.60
C ASN D 169 9.13 42.71 12.74
N PHE D 170 9.31 42.23 13.97
CA PHE D 170 9.13 43.05 15.15
C PHE D 170 10.46 43.22 15.89
N GLU D 171 11.49 43.56 15.12
CA GLU D 171 12.84 43.81 15.62
C GLU D 171 13.71 42.59 15.89
N ILE D 172 14.43 42.60 17.00
CA ILE D 172 15.36 41.54 17.39
C ILE D 172 16.46 41.40 16.32
N GLU D 173 17.58 42.06 16.57
CA GLU D 173 18.73 42.03 15.65
C GLU D 173 19.12 40.60 15.37
N ASN D 174 19.48 39.89 16.44
CA ASN D 174 19.89 38.49 16.36
C ASN D 174 18.84 37.69 15.57
N ILE D 175 19.10 37.52 14.27
CA ILE D 175 18.18 36.80 13.41
C ILE D 175 18.68 35.40 13.15
N SER D 176 20.00 35.23 13.20
CA SER D 176 20.61 33.93 13.00
C SER D 176 20.17 32.98 14.12
N GLU D 177 19.76 33.54 15.26
CA GLU D 177 19.31 32.75 16.41
C GLU D 177 18.01 32.01 16.09
N TYR D 178 17.16 32.62 15.27
CA TYR D 178 15.88 32.03 14.91
C TYR D 178 15.96 31.11 13.70
N ASN D 179 17.13 30.50 13.54
CA ASN D 179 17.37 29.53 12.49
C ASN D 179 17.56 28.18 13.17
N ILE D 180 16.47 27.42 13.29
CA ILE D 180 16.52 26.12 13.92
C ILE D 180 17.31 25.04 13.15
N SER D 181 17.95 25.43 12.04
CA SER D 181 18.74 24.49 11.27
C SER D 181 20.01 24.23 12.03
N GLU D 182 20.69 25.31 12.38
CA GLU D 182 21.94 25.20 13.13
C GLU D 182 21.66 24.53 14.47
N LYS D 183 20.52 24.85 15.07
CA LYS D 183 20.15 24.28 16.36
C LYS D 183 19.85 22.78 16.36
N VAL D 184 20.48 22.06 15.43
CA VAL D 184 20.30 20.61 15.33
C VAL D 184 21.59 19.89 15.70
N THR D 185 21.48 18.97 16.65
CA THR D 185 22.63 18.20 17.11
C THR D 185 22.30 16.71 17.22
N SER D 186 23.27 15.93 17.67
CA SER D 186 23.09 14.49 17.84
C SER D 186 21.95 14.19 18.80
N SER D 187 21.69 15.11 19.72
CA SER D 187 20.63 14.93 20.69
C SER D 187 19.24 15.10 20.06
N THR D 188 19.19 15.79 18.91
CA THR D 188 17.93 16.02 18.15
C THR D 188 17.19 14.70 17.90
N PRO D 189 15.90 14.65 18.25
CA PRO D 189 15.10 13.46 18.08
C PRO D 189 14.88 13.05 16.63
N PRO D 190 14.53 11.78 16.40
CA PRO D 190 14.29 11.32 15.04
C PRO D 190 13.16 12.18 14.43
N THR D 191 13.28 12.51 13.15
CA THR D 191 12.25 13.31 12.53
C THR D 191 11.83 12.81 11.15
N PHE D 192 10.63 13.22 10.79
CA PHE D 192 10.02 12.87 9.52
C PHE D 192 9.73 14.21 8.86
N ILE D 193 10.30 14.43 7.68
CA ILE D 193 10.12 15.66 6.97
C ILE D 193 9.80 15.43 5.52
N TRP D 194 8.76 16.12 5.06
CA TRP D 194 8.35 16.02 3.66
C TRP D 194 8.10 17.41 3.16
N HIS D 195 8.16 17.58 1.85
CA HIS D 195 7.95 18.90 1.31
C HIS D 195 7.70 18.83 -0.20
N THR D 196 6.82 19.68 -0.69
CA THR D 196 6.52 19.67 -2.11
C THR D 196 7.61 20.45 -2.84
N ALA D 197 8.25 19.82 -3.82
CA ALA D 197 9.35 20.47 -4.56
C ALA D 197 8.89 21.54 -5.54
N ASP D 198 8.11 22.49 -5.05
CA ASP D 198 7.62 23.61 -5.87
C ASP D 198 6.84 24.55 -4.96
N ASP D 199 6.85 24.28 -3.66
CA ASP D 199 6.15 25.11 -2.69
C ASP D 199 6.68 26.52 -2.81
N GLU D 200 5.82 27.43 -3.27
CA GLU D 200 6.23 28.82 -3.48
C GLU D 200 6.24 29.69 -2.21
N GLY D 201 5.49 29.29 -1.18
CA GLY D 201 5.49 30.04 0.06
C GLY D 201 6.83 29.90 0.74
N VAL D 202 7.40 28.68 0.68
CA VAL D 202 8.69 28.38 1.29
C VAL D 202 9.43 27.29 0.49
N PRO D 203 10.61 27.63 -0.06
CA PRO D 203 11.42 26.68 -0.85
C PRO D 203 11.74 25.39 -0.10
N ILE D 204 11.76 24.28 -0.86
CA ILE D 204 12.09 23.00 -0.27
C ILE D 204 13.44 23.10 0.44
N TYR D 205 14.29 24.03 0.01
CA TYR D 205 15.60 24.17 0.61
C TYR D 205 15.42 23.98 2.10
N ASN D 206 14.42 24.64 2.68
CA ASN D 206 14.16 24.52 4.13
C ASN D 206 14.33 23.10 4.64
N SER D 207 13.51 22.20 4.10
CA SER D 207 13.58 20.80 4.51
C SER D 207 14.86 20.18 4.00
N LEU D 208 15.21 20.50 2.76
CA LEU D 208 16.41 19.97 2.15
C LEU D 208 17.64 20.16 3.01
N LYS D 209 18.08 21.41 3.14
CA LYS D 209 19.26 21.75 3.93
C LYS D 209 19.09 21.16 5.30
N TYR D 210 17.88 21.21 5.84
CA TYR D 210 17.67 20.68 7.16
C TYR D 210 18.09 19.23 7.21
N CYS D 211 17.70 18.42 6.22
CA CYS D 211 18.07 17.01 6.17
C CYS D 211 19.58 16.82 6.20
N ASP D 212 20.26 17.54 5.33
CA ASP D 212 21.71 17.51 5.27
C ASP D 212 22.24 17.78 6.69
N ARG D 213 21.87 18.95 7.23
CA ARG D 213 22.28 19.35 8.56
C ARG D 213 21.52 18.54 9.62
N LEU D 214 21.14 17.32 9.24
CA LEU D 214 20.41 16.46 10.15
C LEU D 214 21.03 15.08 10.05
N SER D 215 21.57 14.78 8.88
CA SER D 215 22.19 13.48 8.65
C SER D 215 23.62 13.51 9.16
N LYS D 216 24.30 14.63 8.92
CA LYS D 216 25.68 14.81 9.36
C LYS D 216 25.80 14.61 10.86
N HIS D 217 24.71 14.74 11.57
CA HIS D 217 24.75 14.51 13.00
C HIS D 217 24.19 13.14 13.34
N GLN D 218 24.28 12.24 12.37
CA GLN D 218 23.81 10.86 12.54
C GLN D 218 22.46 10.78 13.26
N VAL D 219 21.53 11.64 12.85
CA VAL D 219 20.18 11.66 13.43
C VAL D 219 19.29 10.82 12.51
N PRO D 220 18.69 9.74 13.07
CA PRO D 220 17.81 8.86 12.29
C PRO D 220 16.55 9.63 11.85
N PHE D 221 16.30 9.67 10.54
CA PHE D 221 15.16 10.38 10.01
C PHE D 221 14.72 9.81 8.68
N GLU D 222 13.57 10.28 8.22
CA GLU D 222 13.01 9.83 6.96
C GLU D 222 12.53 11.08 6.26
N ALA D 223 12.72 11.15 4.95
CA ALA D 223 12.30 12.31 4.19
C ALA D 223 11.57 11.92 2.94
N HIS D 224 10.67 12.81 2.53
CA HIS D 224 9.90 12.59 1.31
C HIS D 224 9.69 13.92 0.64
N PHE D 225 9.89 13.93 -0.67
CA PHE D 225 9.72 15.15 -1.43
C PHE D 225 8.93 14.94 -2.68
N PHE D 226 7.72 15.51 -2.69
CA PHE D 226 6.82 15.37 -3.82
C PHE D 226 7.09 16.37 -4.96
N GLU D 227 6.79 15.96 -6.17
CA GLU D 227 7.01 16.77 -7.36
C GLU D 227 6.41 18.16 -7.23
N SER D 228 5.08 18.25 -7.20
CA SER D 228 4.42 19.55 -7.12
C SER D 228 3.40 19.61 -5.98
N GLY D 229 2.91 20.82 -5.71
CA GLY D 229 1.93 21.06 -4.66
C GLY D 229 2.15 22.37 -3.92
N PRO D 230 1.11 23.21 -3.80
CA PRO D 230 1.15 24.52 -3.13
C PRO D 230 1.38 24.43 -1.61
N HIS D 231 1.81 25.55 -1.01
CA HIS D 231 2.09 25.58 0.43
C HIS D 231 0.82 25.44 1.26
N GLY D 232 0.92 24.74 2.39
CA GLY D 232 -0.22 24.54 3.26
C GLY D 232 -1.07 23.35 2.82
N VAL D 233 -0.56 22.55 1.87
CA VAL D 233 -1.27 21.39 1.34
C VAL D 233 -1.92 20.50 2.41
N SER D 234 -1.34 20.48 3.60
CA SER D 234 -1.85 19.69 4.72
C SER D 234 -2.02 18.19 4.36
N LEU D 235 -3.24 17.69 4.47
CA LEU D 235 -3.55 16.30 4.19
C LEU D 235 -3.75 16.02 2.71
N ALA D 236 -3.89 17.08 1.92
CA ALA D 236 -4.09 16.93 0.48
C ALA D 236 -5.38 16.18 0.18
N ASN D 237 -6.23 16.06 1.21
CA ASN D 237 -7.51 15.37 1.11
C ASN D 237 -8.64 16.37 0.98
N ARG D 238 -9.78 15.91 0.50
CA ARG D 238 -10.89 16.83 0.37
C ARG D 238 -11.30 17.36 1.75
N THR D 239 -10.55 16.99 2.79
CA THR D 239 -10.80 17.46 4.16
C THR D 239 -10.00 18.76 4.39
N THR D 240 -8.82 18.82 3.78
CA THR D 240 -7.94 19.96 3.91
C THR D 240 -7.53 20.52 2.55
N ALA D 241 -8.37 21.34 1.96
CA ALA D 241 -8.06 21.91 0.65
C ALA D 241 -9.17 22.82 0.19
N PRO D 242 -8.84 24.08 -0.06
CA PRO D 242 -9.77 25.11 -0.53
C PRO D 242 -10.29 24.85 -1.95
N SER D 243 -9.36 24.73 -2.91
CA SER D 243 -9.71 24.46 -4.30
C SER D 243 -9.30 23.04 -4.69
N ASP D 244 -9.34 22.75 -5.99
CA ASP D 244 -8.98 21.42 -6.49
C ASP D 244 -7.48 21.17 -6.45
N ALA D 245 -6.72 22.21 -6.76
CA ALA D 245 -5.25 22.12 -6.78
C ALA D 245 -4.69 21.74 -5.39
N TYR D 246 -5.44 22.05 -4.34
CA TYR D 246 -5.02 21.75 -2.98
C TYR D 246 -5.45 20.34 -2.57
N CYS D 247 -5.97 19.58 -3.52
CA CYS D 247 -6.42 18.21 -3.26
C CYS D 247 -5.55 17.29 -4.11
N LEU D 248 -4.45 16.81 -3.52
CA LEU D 248 -3.52 15.95 -4.24
C LEU D 248 -3.42 14.58 -3.59
N PRO D 249 -3.88 13.54 -4.32
CA PRO D 249 -3.85 12.16 -3.83
C PRO D 249 -2.42 11.66 -3.64
N SER D 250 -1.53 11.91 -4.59
CA SER D 250 -0.17 11.44 -4.45
C SER D 250 0.51 12.01 -3.23
N VAL D 251 0.26 13.28 -2.94
CA VAL D 251 0.83 13.99 -1.79
C VAL D 251 0.20 13.51 -0.48
N HIS D 252 -1.09 13.21 -0.53
CA HIS D 252 -1.80 12.74 0.64
C HIS D 252 -1.10 11.50 1.24
N ARG D 253 -0.29 10.83 0.42
CA ARG D 253 0.41 9.61 0.89
C ARG D 253 1.28 9.84 2.13
N TRP D 254 1.71 11.08 2.36
CA TRP D 254 2.57 11.37 3.49
C TRP D 254 1.94 11.00 4.84
N VAL D 255 0.68 11.34 5.00
CA VAL D 255 0.01 11.04 6.24
C VAL D 255 0.06 9.53 6.48
N SER D 256 0.20 8.77 5.40
CA SER D 256 0.27 7.33 5.53
C SER D 256 1.71 6.95 5.88
N TRP D 257 2.66 7.51 5.13
CA TRP D 257 4.08 7.28 5.39
C TRP D 257 4.31 7.63 6.85
N ALA D 258 3.89 8.83 7.24
CA ALA D 258 4.07 9.24 8.61
C ALA D 258 3.51 8.20 9.59
N SER D 259 2.32 7.68 9.33
CA SER D 259 1.77 6.70 10.26
C SER D 259 2.75 5.56 10.50
N ASP D 260 3.19 4.94 9.42
CA ASP D 260 4.14 3.84 9.52
C ASP D 260 5.41 4.28 10.25
N TRP D 261 5.94 5.44 9.88
CA TRP D 261 7.13 5.92 10.52
C TRP D 261 6.97 5.97 12.05
N LEU D 262 5.98 6.74 12.49
CA LEU D 262 5.70 6.87 13.92
C LEU D 262 5.68 5.51 14.59
N GLU D 263 4.73 4.68 14.20
CA GLU D 263 4.63 3.37 14.80
C GLU D 263 5.92 2.60 14.70
N ARG D 264 6.66 2.79 13.62
CA ARG D 264 7.93 2.08 13.52
C ARG D 264 8.77 2.56 14.72
N GLN D 265 8.63 3.83 15.10
CA GLN D 265 9.39 4.33 16.25
C GLN D 265 8.85 3.77 17.55
N ILE D 266 7.54 3.66 17.67
CA ILE D 266 6.95 3.15 18.90
C ILE D 266 7.53 1.80 19.19
N LYS D 267 7.45 0.91 18.20
CA LYS D 267 7.96 -0.45 18.36
C LYS D 267 9.41 -0.41 18.86
N ASN D 268 10.21 0.53 18.38
CA ASN D 268 11.58 0.61 18.85
C ASN D 268 11.66 1.48 20.14
N LEU D 269 10.95 1.06 21.18
CA LEU D 269 10.99 1.81 22.44
C LEU D 269 11.64 1.04 23.57
N GLU D 270 10.97 0.03 24.12
CA GLU D 270 11.59 -0.74 25.21
C GLU D 270 12.99 -1.22 24.78
#